data_8G8G
#
_entry.id   8G8G
#
_cell.length_a   1.00
_cell.length_b   1.00
_cell.length_c   1.00
_cell.angle_alpha   90.00
_cell.angle_beta   90.00
_cell.angle_gamma   90.00
#
_symmetry.space_group_name_H-M   'P 1'
#
loop_
_entity.id
_entity.type
_entity.pdbx_description
1 polymer 'Histone H3'
2 polymer 'Histone H4'
3 polymer 'Histone H2A'
4 polymer 'Histone H2B'
5 polymer 'LIN28B DNA (174-MER)'
6 polymer 'LIN28B DNA (174-MER)'
7 polymer 'POU domain, class 5, transcription factor 1'
#
loop_
_entity_poly.entity_id
_entity_poly.type
_entity_poly.pdbx_seq_one_letter_code
_entity_poly.pdbx_strand_id
1 'polypeptide(L)'
;ARTKQTARKSTGGKAPRKQLATKAARKSAPATGGVKKPHRYRPGTVALREIRRYQKSTELLIRKLPFQRLVREIAQDFKT
DLRFQSSAVMALQEASEAYLVALFEDTNLCAIHAKRVTIMPKDIQLARRIRGERA
;
A,E
2 'polypeptide(L)'
;SGRGKGGKGLGKGGAKRHRKVLRDNIQGITKPAIRRLARRGGVKRISGLIYEETRGVLKVFLENVIRDAVTYTEHAKRKT
VTAMDVVYALKRQGRTLYGFGG
;
B,F
3 'polypeptide(L)'
;SGRGKQGGKTRAKAKTRSSRAGLQFPVGRVHRLLRKGNYAERVGAGAPVYLAAVLEYLTAEILELAGNAARDNKKTRIIP
RHLQLAVRNDEELNKLLGRVTIAQGGVLPNIQSVLLPKKTESSKSAKSK
;
C,G
4 'polypeptide(L)'
;AKSAPAPKKGSKKAVTKTQKKDGKKRRKTRKESYAIYVYKVLKQVHPDTGISSKAMSIMNSFVNDVFERIAGEASRLAHY
NKRSTITSREIQTAVRLLLPGELAKHAVSEGTKAVTKYTSAK
;
D,H
5 'polydeoxyribonucleotide'
;(DA)(DT)(DG)(DA)(DA)(DG)(DT)(DA)(DT)(DG)(DT)(DG)(DT)(DC)(DT)(DT)(DT)(DA)(DT)(DT)
(DC)(DA)(DC)(DA)(DA)(DG)(DC)(DT)(DT)(DG)(DC)(DA)(DC)(DA)(DA)(DT)(DC)(DC)(DC)(DT)
(DG)(DC)(DT)(DG)(DG)(DA)(DC)(DA)(DA)(DT)(DT)(DC)(DT)(DG)(DA)(DG)(DT)(DG)(DA)(DT)
(DG)(DG)(DC)(DA)(DG)(DC)(DT)(DC)(DC)(DC)(DA)(DC)(DC)(DT)(DT)(DT)(DC)(DC)(DT)(DT)
(DC)(DT)(DT)(DT)(DC)(DT)(DT)(DC)(DA)(DC)(DT)(DT)(DA)(DG)(DA)(DC)(DT)(DA)(DC)(DA)
(DT)(DT)(DT)(DA)(DT)(DT)(DC)(DA)(DG)(DC)(DA)(DT)(DC)(DT)(DG)(DT)(DA)(DT)(DT)(DG)
(DT)(DT)(DG)(DG)(DA)(DG)(DT)(DA)(DA)(DG)(DT)(DT)(DC)(DC)(DA)(DT)(DG)(DT)(DT)(DA)
(DA)(DT)(DA)(DC)(DT)(DC)(DA)(DC)(DC)(DA)(DC)(DT)(DG)(DA)(DG)(DG)(DA)(DT)(DA)(DT)
(DG)(DT)(DT)(DA)(DA)(DT)(DA)(DC)(DC)(DA)(DC)(DT)(DT)(DA)(DA)(DC)(DT)(DT)(DA)(DT)
(DG)(DC)
;
I
6 'polydeoxyribonucleotide'
;(DG)(DC)(DA)(DT)(DA)(DA)(DG)(DT)(DT)(DA)(DA)(DG)(DT)(DG)(DG)(DT)(DA)(DT)(DT)(DA)
(DA)(DC)(DA)(DT)(DA)(DT)(DC)(DC)(DT)(DC)(DA)(DG)(DT)(DG)(DG)(DT)(DG)(DA)(DG)(DT)
(DA)(DT)(DT)(DA)(DA)(DC)(DA)(DT)(DG)(DG)(DA)(DA)(DC)(DT)(DT)(DA)(DC)(DT)(DC)(DC)
(DA)(DA)(DC)(DA)(DA)(DT)(DA)(DC)(DA)(DG)(DA)(DT)(DG)(DC)(DT)(DG)(DA)(DA)(DT)(DA)
(DA)(DA)(DT)(DG)(DT)(DA)(DG)(DT)(DC)(DT)(DA)(DA)(DG)(DT)(DG)(DA)(DA)(DG)(DA)(DA)
(DA)(DG)(DA)(DA)(DG)(DG)(DA)(DA)(DA)(DG)(DG)(DT)(DG)(DG)(DG)(DA)(DG)(DC)(DT)(DG)
(DC)(DC)(DA)(DT)(DC)(DA)(DC)(DT)(DC)(DA)(DG)(DA)(DA)(DT)(DT)(DG)(DT)(DC)(DC)(DA)
(DG)(DC)(DA)(DG)(DG)(DG)(DA)(DT)(DT)(DG)(DT)(DG)(DC)(DA)(DA)(DG)(DC)(DT)(DT)(DG)
(DT)(DG)(DA)(DA)(DT)(DA)(DA)(DA)(DG)(DA)(DC)(DA)(DC)(DA)(DT)(DA)(DC)(DT)(DT)(DC)
(DA)(DT)
;
J
7 'polypeptide(L)'
;GSSHHHHHHSSGLVPRGSHMASMTGGQQMGRDPNSMAGHLASDFAFSPPPGGGGDGPGGPEPGWVDPRTWLSFQGPPGGP
GIGPGVGPGSEVWGIPPCPPPYEFCGGMAYCGPQVGVGLVPQGGLETSQPEGEAGVGVESNSDGASPEPCTVTPGAVKLE
KEKLEQNPEESQDIKALQKELEQFAKLLKQKRITLGYTQADVGLTLGVLFGKVFSQTTICRFEALQLSFKNMCKLRPLLQ
KWVEEADNNENLQEICKAETLVQARKRKRTSIENRVRGNLENLFLQCPKPTLQQISHIAQQLGLEKDVVRVWFCNRRQKG
KRSSSDYAQREDFEAAGSPFSGGPVSFPLAPGPHFGTPGYGSPHFTALYSSVPFPEGEAFPPVSVTTLGSPMHSN
;
X
#
# COMPACT_ATOMS: atom_id res chain seq x y z
N ALA A 24 13.53 -41.37 15.83
CA ALA A 24 14.55 -41.78 16.79
C ALA A 24 13.99 -41.76 18.21
N ALA A 25 14.84 -42.10 19.18
CA ALA A 25 14.45 -42.13 20.58
C ALA A 25 14.61 -40.73 21.15
N ARG A 26 13.52 -39.96 21.13
CA ARG A 26 13.49 -38.59 21.65
C ARG A 26 12.39 -38.54 22.70
N LYS A 27 12.76 -38.86 23.95
CA LYS A 27 11.81 -38.98 25.04
C LYS A 27 12.26 -38.12 26.21
N SER A 28 11.29 -37.73 27.04
CA SER A 28 11.56 -36.89 28.20
C SER A 28 10.58 -37.26 29.30
N ALA A 29 10.67 -36.54 30.43
CA ALA A 29 9.80 -36.78 31.57
C ALA A 29 8.78 -35.65 31.67
N PRO A 30 7.49 -35.92 31.42
CA PRO A 30 6.46 -34.86 31.50
C PRO A 30 5.89 -34.68 32.90
N ALA A 31 6.77 -34.53 33.88
CA ALA A 31 6.35 -34.33 35.26
C ALA A 31 5.93 -32.89 35.49
N THR A 32 4.84 -32.72 36.24
CA THR A 32 4.31 -31.40 36.54
C THR A 32 3.40 -31.51 37.75
N GLY A 33 2.93 -30.37 38.22
CA GLY A 33 2.02 -30.34 39.36
C GLY A 33 1.66 -28.91 39.69
N GLY A 34 0.55 -28.78 40.41
CA GLY A 34 0.09 -27.47 40.85
C GLY A 34 -0.82 -27.53 42.05
N VAL A 35 -0.51 -26.74 43.08
CA VAL A 35 -1.37 -26.62 44.27
C VAL A 35 -2.09 -25.27 44.28
N LYS A 36 -1.34 -24.17 44.33
CA LYS A 36 -1.91 -22.84 44.23
C LYS A 36 -1.03 -22.00 43.31
N LYS A 37 -1.65 -21.26 42.39
CA LYS A 37 -0.91 -20.49 41.42
C LYS A 37 -1.74 -19.27 41.03
N PRO A 38 -1.21 -18.06 41.22
CA PRO A 38 -1.92 -16.87 40.77
C PRO A 38 -2.20 -16.94 39.27
N HIS A 39 -3.39 -16.49 38.90
CA HIS A 39 -3.85 -16.62 37.51
C HIS A 39 -2.93 -15.87 36.57
N ARG A 40 -2.53 -16.53 35.49
CA ARG A 40 -1.69 -15.93 34.46
C ARG A 40 -2.33 -16.18 33.11
N TYR A 41 -2.40 -15.15 32.23
CA TYR A 41 -2.92 -15.21 30.87
C TYR A 41 -1.79 -15.61 29.92
N ARG A 42 -2.17 -16.33 28.86
CA ARG A 42 -1.20 -16.81 27.90
C ARG A 42 -0.61 -15.66 27.09
N PRO A 43 0.54 -15.87 26.47
CA PRO A 43 1.21 -14.76 25.75
C PRO A 43 0.49 -14.35 24.48
N GLY A 44 -0.48 -13.46 24.61
CA GLY A 44 -1.22 -12.97 23.47
C GLY A 44 -2.67 -12.67 23.82
N THR A 45 -3.14 -13.19 24.94
CA THR A 45 -4.50 -12.90 25.39
C THR A 45 -4.63 -11.44 25.80
N VAL A 46 -3.68 -10.94 26.59
CA VAL A 46 -3.71 -9.53 26.99
C VAL A 46 -3.41 -8.63 25.81
N ALA A 47 -2.50 -9.04 24.93
CA ALA A 47 -2.17 -8.23 23.76
C ALA A 47 -3.38 -8.06 22.86
N LEU A 48 -4.16 -9.12 22.66
CA LEU A 48 -5.39 -9.00 21.89
C LEU A 48 -6.42 -8.16 22.62
N ARG A 49 -6.45 -8.26 23.95
CA ARG A 49 -7.34 -7.41 24.73
C ARG A 49 -6.97 -5.94 24.60
N GLU A 50 -5.67 -5.65 24.57
CA GLU A 50 -5.22 -4.28 24.42
C GLU A 50 -5.57 -3.72 23.04
N ILE A 51 -5.50 -4.56 22.00
CA ILE A 51 -5.86 -4.10 20.67
C ILE A 51 -7.31 -3.67 20.63
N ARG A 52 -8.20 -4.47 21.23
CA ARG A 52 -9.61 -4.11 21.28
C ARG A 52 -9.83 -2.87 22.12
N ARG A 53 -9.10 -2.74 23.22
CA ARG A 53 -9.29 -1.59 24.11
C ARG A 53 -8.91 -0.28 23.41
N TYR A 54 -7.77 -0.27 22.71
CA TYR A 54 -7.26 0.96 22.12
C TYR A 54 -7.81 1.23 20.74
N GLN A 55 -8.50 0.27 20.13
CA GLN A 55 -9.22 0.55 18.89
C GLN A 55 -10.63 1.03 19.14
N LYS A 56 -11.20 0.75 20.31
CA LYS A 56 -12.47 1.32 20.71
C LYS A 56 -12.31 2.76 21.17
N SER A 57 -11.20 3.08 21.80
CA SER A 57 -10.98 4.40 22.37
C SER A 57 -10.50 5.38 21.30
N THR A 58 -10.55 6.67 21.66
CA THR A 58 -10.12 7.72 20.74
C THR A 58 -9.16 8.72 21.40
N GLU A 59 -8.72 8.46 22.63
CA GLU A 59 -7.86 9.42 23.32
C GLU A 59 -6.43 9.34 22.80
N LEU A 60 -5.65 10.36 23.14
CA LEU A 60 -4.23 10.37 22.78
C LEU A 60 -3.45 9.41 23.67
N LEU A 61 -2.55 8.64 23.05
CA LEU A 61 -1.83 7.57 23.73
C LEU A 61 -0.45 7.97 24.20
N ILE A 62 0.04 9.14 23.80
CA ILE A 62 1.30 9.67 24.28
C ILE A 62 1.01 10.70 25.37
N ARG A 63 1.83 10.69 26.41
CA ARG A 63 1.68 11.67 27.48
C ARG A 63 1.91 13.07 26.94
N LYS A 64 1.10 14.02 27.42
CA LYS A 64 1.10 15.35 26.81
C LYS A 64 2.35 16.14 27.16
N LEU A 65 2.76 16.12 28.43
CA LEU A 65 3.94 16.89 28.83
C LEU A 65 5.22 16.35 28.18
N PRO A 66 5.50 15.04 28.19
CA PRO A 66 6.70 14.56 27.47
C PRO A 66 6.68 14.89 25.98
N PHE A 67 5.52 14.83 25.34
CA PHE A 67 5.45 15.18 23.92
C PHE A 67 5.66 16.66 23.72
N GLN A 68 5.10 17.48 24.62
CA GLN A 68 5.23 18.94 24.48
C GLN A 68 6.68 19.38 24.59
N ARG A 69 7.45 18.71 25.46
CA ARG A 69 8.88 19.01 25.57
C ARG A 69 9.63 18.63 24.30
N LEU A 70 9.24 17.51 23.69
CA LEU A 70 9.89 17.09 22.45
C LEU A 70 9.65 18.08 21.32
N VAL A 71 8.43 18.60 21.23
CA VAL A 71 8.11 19.57 20.19
C VAL A 71 8.93 20.84 20.34
N ARG A 72 9.08 21.31 21.58
CA ARG A 72 9.85 22.53 21.83
C ARG A 72 11.34 22.29 21.59
N GLU A 73 11.83 21.09 21.90
CA GLU A 73 13.23 20.76 21.64
C GLU A 73 13.53 20.77 20.15
N ILE A 74 12.62 20.21 19.35
CA ILE A 74 12.83 20.17 17.90
C ILE A 74 12.78 21.57 17.32
N ALA A 75 11.84 22.41 17.79
CA ALA A 75 11.68 23.74 17.24
C ALA A 75 12.86 24.65 17.54
N GLN A 76 13.67 24.33 18.56
CA GLN A 76 14.85 25.13 18.85
C GLN A 76 15.83 25.12 17.69
N ASP A 77 15.86 24.04 16.92
CA ASP A 77 16.75 23.96 15.76
C ASP A 77 16.36 24.94 14.67
N PHE A 78 15.11 25.39 14.64
CA PHE A 78 14.61 26.27 13.59
C PHE A 78 14.52 27.73 14.04
N LYS A 79 14.06 27.98 15.26
CA LYS A 79 14.00 29.34 15.78
C LYS A 79 14.08 29.29 17.29
N THR A 80 14.73 30.29 17.88
CA THR A 80 14.86 30.39 19.32
C THR A 80 13.76 31.27 19.89
N ASP A 81 13.45 31.05 21.16
CA ASP A 81 12.40 31.78 21.87
C ASP A 81 11.06 31.67 21.15
N LEU A 82 10.73 30.47 20.68
CA LEU A 82 9.47 30.20 20.03
C LEU A 82 8.39 29.88 21.06
N ARG A 83 7.23 30.48 20.88
CA ARG A 83 6.08 30.19 21.72
C ARG A 83 5.12 29.28 20.95
N PHE A 84 4.36 28.48 21.70
CA PHE A 84 3.44 27.53 21.12
C PHE A 84 2.08 27.70 21.76
N GLN A 85 1.04 27.79 20.94
CA GLN A 85 -0.32 27.73 21.46
C GLN A 85 -0.59 26.34 22.01
N SER A 86 -1.55 26.26 22.94
CA SER A 86 -1.94 24.96 23.48
C SER A 86 -2.50 24.06 22.39
N SER A 87 -3.32 24.62 21.50
CA SER A 87 -3.90 23.84 20.43
C SER A 87 -2.88 23.52 19.35
N ALA A 88 -1.81 24.30 19.23
CA ALA A 88 -0.76 23.99 18.27
C ALA A 88 -0.05 22.69 18.63
N VAL A 89 0.28 22.52 19.91
CA VAL A 89 0.90 21.26 20.35
C VAL A 89 -0.11 20.12 20.27
N MET A 90 -1.38 20.40 20.56
CA MET A 90 -2.40 19.38 20.46
C MET A 90 -2.62 18.96 19.00
N ALA A 91 -2.56 19.92 18.07
CA ALA A 91 -2.68 19.58 16.66
C ALA A 91 -1.51 18.72 16.21
N LEU A 92 -0.31 19.02 16.70
CA LEU A 92 0.84 18.20 16.38
C LEU A 92 0.70 16.79 16.95
N GLN A 93 0.19 16.66 18.16
CA GLN A 93 0.05 15.34 18.76
C GLN A 93 -0.99 14.49 18.02
N GLU A 94 -2.12 15.09 17.64
CA GLU A 94 -3.14 14.35 16.92
C GLU A 94 -2.61 13.85 15.59
N ALA A 95 -1.85 14.69 14.88
CA ALA A 95 -1.26 14.29 13.62
C ALA A 95 -0.15 13.27 13.82
N SER A 96 0.62 13.41 14.90
CA SER A 96 1.76 12.52 15.12
C SER A 96 1.30 11.10 15.42
N GLU A 97 0.29 10.96 16.29
CA GLU A 97 -0.19 9.62 16.61
C GLU A 97 -0.99 9.02 15.47
N ALA A 98 -1.66 9.83 14.68
CA ALA A 98 -2.33 9.32 13.48
C ALA A 98 -1.32 8.77 12.49
N TYR A 99 -0.19 9.46 12.34
CA TYR A 99 0.88 8.99 11.45
C TYR A 99 1.48 7.69 11.98
N LEU A 100 1.66 7.59 13.29
CA LEU A 100 2.30 6.41 13.86
C LEU A 100 1.35 5.23 13.91
N VAL A 101 0.07 5.47 14.19
CA VAL A 101 -0.90 4.39 14.19
C VAL A 101 -1.09 3.84 12.78
N ALA A 102 -1.15 4.72 11.78
CA ALA A 102 -1.28 4.26 10.40
C ALA A 102 -0.03 3.56 9.92
N LEU A 103 1.13 3.98 10.41
CA LEU A 103 2.38 3.30 10.05
C LEU A 103 2.46 1.92 10.67
N PHE A 104 1.92 1.74 11.87
CA PHE A 104 1.91 0.42 12.49
C PHE A 104 0.91 -0.50 11.82
N GLU A 105 -0.07 0.04 11.11
CA GLU A 105 -0.98 -0.78 10.32
C GLU A 105 -0.28 -1.32 9.08
N ASP A 106 0.54 -0.48 8.43
CA ASP A 106 1.33 -0.93 7.30
C ASP A 106 2.45 -1.86 7.75
N THR A 107 3.06 -1.55 8.90
CA THR A 107 4.11 -2.39 9.45
C THR A 107 3.59 -3.77 9.81
N ASN A 108 2.37 -3.83 10.35
CA ASN A 108 1.77 -5.12 10.71
C ASN A 108 1.54 -5.98 9.48
N LEU A 109 1.15 -5.35 8.36
CA LEU A 109 0.90 -6.11 7.14
C LEU A 109 2.18 -6.73 6.59
N CYS A 110 3.30 -6.01 6.70
CA CYS A 110 4.57 -6.55 6.25
C CYS A 110 5.01 -7.73 7.11
N ALA A 111 4.79 -7.64 8.43
CA ALA A 111 5.13 -8.75 9.31
C ALA A 111 4.32 -9.99 8.97
N ILE A 112 3.02 -9.82 8.73
CA ILE A 112 2.18 -10.95 8.34
C ILE A 112 2.57 -11.45 6.95
N HIS A 113 2.98 -10.55 6.06
CA HIS A 113 3.45 -10.96 4.74
C HIS A 113 4.66 -11.87 4.85
N ALA A 114 5.59 -11.56 5.74
CA ALA A 114 6.77 -12.38 5.97
C ALA A 114 6.49 -13.55 6.91
N LYS A 115 5.21 -13.88 7.12
CA LYS A 115 4.81 -15.04 7.92
C LYS A 115 5.26 -14.92 9.38
N ARG A 116 5.12 -13.73 9.94
CA ARG A 116 5.39 -13.46 11.34
C ARG A 116 4.19 -12.78 11.97
N VAL A 117 4.19 -12.77 13.30
CA VAL A 117 3.28 -11.93 14.07
C VAL A 117 4.00 -10.82 14.81
N THR A 118 5.33 -10.87 14.88
CA THR A 118 6.12 -9.84 15.53
C THR A 118 6.54 -8.80 14.50
N ILE A 119 6.28 -7.53 14.79
CA ILE A 119 6.75 -6.46 13.93
C ILE A 119 8.21 -6.17 14.27
N MET A 120 9.03 -6.10 13.24
CA MET A 120 10.46 -5.89 13.37
C MET A 120 10.83 -4.58 12.70
N PRO A 121 11.99 -4.01 13.03
CA PRO A 121 12.38 -2.74 12.39
C PRO A 121 12.44 -2.80 10.88
N LYS A 122 12.69 -3.97 10.30
CA LYS A 122 12.71 -4.09 8.85
C LYS A 122 11.31 -3.97 8.26
N ASP A 123 10.27 -4.28 9.05
CA ASP A 123 8.90 -4.08 8.58
C ASP A 123 8.56 -2.59 8.51
N ILE A 124 9.04 -1.81 9.48
CA ILE A 124 8.86 -0.36 9.42
C ILE A 124 9.59 0.20 8.21
N GLN A 125 10.82 -0.26 7.98
CA GLN A 125 11.60 0.24 6.85
C GLN A 125 10.98 -0.13 5.52
N LEU A 126 10.43 -1.35 5.41
CA LEU A 126 9.75 -1.72 4.17
C LEU A 126 8.49 -0.90 3.96
N ALA A 127 7.70 -0.71 5.02
CA ALA A 127 6.47 0.06 4.90
C ALA A 127 6.76 1.51 4.52
N ARG A 128 7.79 2.09 5.13
CA ARG A 128 8.14 3.48 4.82
C ARG A 128 8.75 3.60 3.43
N ARG A 129 9.49 2.58 2.98
CA ARG A 129 10.07 2.63 1.64
C ARG A 129 9.01 2.57 0.55
N ILE A 130 8.01 1.71 0.72
CA ILE A 130 6.96 1.59 -0.28
C ILE A 130 6.10 2.84 -0.31
N ARG A 131 5.84 3.43 0.85
CA ARG A 131 5.07 4.67 0.90
C ARG A 131 5.76 5.80 0.13
N GLY A 132 7.09 5.81 0.13
CA GLY A 132 7.82 6.85 -0.57
C GLY A 132 8.55 7.76 0.38
N GLU A 133 8.75 7.31 1.61
CA GLU A 133 9.50 8.08 2.61
C GLU A 133 10.97 7.68 2.71
N ARG A 134 11.36 6.58 2.09
CA ARG A 134 12.77 6.19 2.02
C ARG A 134 13.20 6.06 0.55
N LYS B 20 20.03 4.91 35.17
CA LYS B 20 20.02 6.27 34.65
C LYS B 20 18.59 6.69 34.34
N VAL B 21 18.33 7.98 34.50
CA VAL B 21 16.99 8.51 34.24
C VAL B 21 17.00 9.04 32.81
N LEU B 22 15.82 9.11 32.19
CA LEU B 22 15.70 9.51 30.80
C LEU B 22 16.30 10.90 30.61
N ARG B 23 17.15 11.02 29.59
CA ARG B 23 17.89 12.26 29.34
C ARG B 23 17.49 12.91 28.02
N ASP B 24 17.62 12.19 26.92
CA ASP B 24 17.24 12.74 25.63
C ASP B 24 15.72 12.87 25.56
N ASN B 25 15.24 14.05 25.18
CA ASN B 25 13.76 14.27 25.20
C ASN B 25 13.03 13.19 24.40
N ILE B 26 13.57 12.82 23.23
CA ILE B 26 12.95 11.76 22.39
C ILE B 26 12.61 10.58 23.29
N GLN B 27 13.36 10.41 24.39
CA GLN B 27 13.13 9.29 25.29
C GLN B 27 11.86 9.45 26.11
N GLY B 28 11.24 10.63 26.09
CA GLY B 28 9.95 10.81 26.73
C GLY B 28 8.81 10.16 26.00
N ILE B 29 9.02 9.72 24.76
CA ILE B 29 8.06 8.88 24.05
C ILE B 29 8.35 7.46 24.52
N THR B 30 7.74 7.08 25.62
CA THR B 30 8.14 5.87 26.33
C THR B 30 7.77 4.62 25.54
N LYS B 31 8.38 3.51 25.92
CA LYS B 31 8.00 2.23 25.34
C LYS B 31 6.54 1.87 25.56
N PRO B 32 5.94 2.05 26.74
CA PRO B 32 4.50 1.83 26.85
C PRO B 32 3.67 2.70 25.92
N ALA B 33 4.10 3.94 25.70
CA ALA B 33 3.38 4.82 24.77
C ALA B 33 3.45 4.28 23.35
N ILE B 34 4.62 3.77 22.95
CA ILE B 34 4.76 3.18 21.62
C ILE B 34 3.99 1.88 21.52
N ARG B 35 3.96 1.10 22.60
CA ARG B 35 3.15 -0.12 22.60
C ARG B 35 1.68 0.18 22.46
N ARG B 36 1.20 1.26 23.08
CA ARG B 36 -0.20 1.65 22.94
C ARG B 36 -0.53 2.06 21.52
N LEU B 37 0.40 2.75 20.85
CA LEU B 37 0.17 3.13 19.46
C LEU B 37 0.14 1.92 18.54
N ALA B 38 0.96 0.90 18.85
CA ALA B 38 0.95 -0.32 18.06
C ALA B 38 -0.33 -1.13 18.31
N ARG B 39 -0.85 -1.09 19.53
CA ARG B 39 -2.10 -1.78 19.83
C ARG B 39 -3.26 -1.17 19.05
N ARG B 40 -3.34 0.15 18.98
CA ARG B 40 -4.36 0.79 18.15
C ARG B 40 -4.12 0.51 16.68
N GLY B 41 -2.89 0.21 16.29
CA GLY B 41 -2.57 -0.22 14.95
C GLY B 41 -2.78 -1.69 14.69
N GLY B 42 -3.27 -2.43 15.67
CA GLY B 42 -3.53 -3.85 15.50
C GLY B 42 -2.34 -4.76 15.68
N VAL B 43 -1.25 -4.27 16.26
CA VAL B 43 -0.04 -5.07 16.43
C VAL B 43 -0.17 -5.91 17.69
N LYS B 44 0.11 -7.21 17.57
CA LYS B 44 -0.02 -8.14 18.69
C LYS B 44 1.29 -8.44 19.39
N ARG B 45 2.42 -8.42 18.67
CA ARG B 45 3.70 -8.75 19.26
C ARG B 45 4.74 -7.80 18.69
N ILE B 46 5.59 -7.24 19.55
CA ILE B 46 6.48 -6.14 19.18
C ILE B 46 7.91 -6.54 19.50
N SER B 47 8.79 -6.42 18.51
CA SER B 47 10.21 -6.65 18.73
C SER B 47 10.80 -5.54 19.59
N GLY B 48 11.84 -5.88 20.35
CA GLY B 48 12.45 -4.93 21.27
C GLY B 48 13.18 -3.78 20.60
N LEU B 49 13.52 -3.92 19.31
CA LEU B 49 14.19 -2.86 18.58
C LEU B 49 13.21 -1.91 17.90
N ILE B 50 11.92 -2.15 18.03
CA ILE B 50 10.93 -1.28 17.39
C ILE B 50 10.92 0.10 18.02
N TYR B 51 11.07 0.16 19.35
CA TYR B 51 10.90 1.44 20.06
C TYR B 51 11.95 2.46 19.63
N GLU B 52 13.20 2.04 19.49
CA GLU B 52 14.23 2.97 19.02
C GLU B 52 13.99 3.36 17.57
N GLU B 53 13.49 2.42 16.76
CA GLU B 53 13.12 2.75 15.38
C GLU B 53 11.94 3.71 15.32
N THR B 54 10.94 3.49 16.18
CA THR B 54 9.76 4.34 16.19
C THR B 54 10.08 5.75 16.64
N ARG B 55 10.98 5.90 17.60
CA ARG B 55 11.37 7.24 18.06
C ARG B 55 12.09 8.00 16.95
N GLY B 56 12.93 7.31 16.17
CA GLY B 56 13.56 7.96 15.04
C GLY B 56 12.57 8.34 13.96
N VAL B 57 11.55 7.51 13.75
CA VAL B 57 10.55 7.79 12.73
C VAL B 57 9.71 9.00 13.11
N LEU B 58 9.30 9.07 14.38
CA LEU B 58 8.50 10.21 14.83
C LEU B 58 9.31 11.50 14.78
N LYS B 59 10.59 11.44 15.12
CA LYS B 59 11.42 12.64 15.13
C LYS B 59 11.57 13.21 13.72
N VAL B 60 11.61 12.34 12.71
CA VAL B 60 11.69 12.80 11.33
C VAL B 60 10.37 13.44 10.91
N PHE B 61 9.25 12.82 11.29
CA PHE B 61 7.94 13.37 10.97
C PHE B 61 7.75 14.73 11.62
N LEU B 62 8.12 14.85 12.89
CA LEU B 62 7.93 16.10 13.61
C LEU B 62 8.83 17.20 13.06
N GLU B 63 10.06 16.86 12.66
CA GLU B 63 10.97 17.85 12.11
C GLU B 63 10.39 18.45 10.83
N ASN B 64 9.83 17.62 9.96
CA ASN B 64 9.26 18.12 8.71
C ASN B 64 8.08 19.05 8.97
N VAL B 65 7.19 18.66 9.88
CA VAL B 65 6.00 19.46 10.14
C VAL B 65 6.37 20.75 10.87
N ILE B 66 7.23 20.66 11.89
CA ILE B 66 7.57 21.84 12.68
C ILE B 66 8.36 22.83 11.84
N ARG B 67 9.24 22.34 10.97
CA ARG B 67 9.99 23.24 10.10
C ARG B 67 9.05 24.05 9.21
N ASP B 68 8.01 23.42 8.69
CA ASP B 68 7.04 24.13 7.87
C ASP B 68 6.13 25.02 8.71
N ALA B 69 5.75 24.55 9.91
CA ALA B 69 4.91 25.36 10.78
C ALA B 69 5.62 26.63 11.21
N VAL B 70 6.92 26.53 11.50
CA VAL B 70 7.69 27.73 11.84
C VAL B 70 7.87 28.62 10.61
N THR B 71 8.02 28.03 9.42
CA THR B 71 8.18 28.85 8.22
C THR B 71 6.95 29.73 7.99
N TYR B 72 5.76 29.19 8.26
CA TYR B 72 4.55 30.01 8.21
C TYR B 72 4.56 31.07 9.30
N THR B 73 5.13 30.75 10.46
CA THR B 73 5.11 31.67 11.59
C THR B 73 6.01 32.88 11.32
N GLU B 74 7.25 32.63 10.89
CA GLU B 74 8.17 33.73 10.64
C GLU B 74 7.72 34.58 9.46
N HIS B 75 6.99 33.99 8.50
CA HIS B 75 6.44 34.79 7.41
C HIS B 75 5.40 35.78 7.95
N ALA B 76 4.56 35.34 8.85
CA ALA B 76 3.55 36.20 9.46
C ALA B 76 4.15 37.19 10.45
N LYS B 77 5.47 37.15 10.64
CA LYS B 77 6.16 38.04 11.57
C LYS B 77 5.64 37.87 13.00
N ARG B 78 5.35 36.63 13.38
CA ARG B 78 4.92 36.28 14.71
C ARG B 78 6.00 35.49 15.43
N LYS B 79 5.87 35.40 16.75
CA LYS B 79 6.76 34.59 17.57
C LYS B 79 6.10 33.33 18.10
N THR B 80 4.78 33.25 18.10
CA THR B 80 4.05 32.10 18.60
C THR B 80 3.61 31.23 17.44
N VAL B 81 3.76 29.92 17.59
CA VAL B 81 3.28 28.97 16.60
C VAL B 81 1.81 28.68 16.90
N THR B 82 0.93 29.06 15.98
CA THR B 82 -0.50 28.89 16.16
C THR B 82 -0.94 27.54 15.62
N ALA B 83 -2.18 27.17 15.95
CA ALA B 83 -2.72 25.91 15.47
C ALA B 83 -2.91 25.90 13.97
N MET B 84 -3.13 27.08 13.37
CA MET B 84 -3.31 27.15 11.93
C MET B 84 -2.00 26.89 11.19
N ASP B 85 -0.87 27.32 11.77
CA ASP B 85 0.42 27.02 11.15
C ASP B 85 0.67 25.53 11.11
N VAL B 86 0.32 24.82 12.18
CA VAL B 86 0.44 23.36 12.19
C VAL B 86 -0.52 22.75 11.16
N VAL B 87 -1.75 23.26 11.11
CA VAL B 87 -2.73 22.75 10.16
C VAL B 87 -2.28 23.02 8.73
N TYR B 88 -1.77 24.23 8.47
CA TYR B 88 -1.27 24.57 7.15
C TYR B 88 -0.07 23.72 6.77
N ALA B 89 0.84 23.49 7.72
CA ALA B 89 2.01 22.67 7.46
C ALA B 89 1.63 21.24 7.15
N LEU B 90 0.66 20.70 7.90
CA LEU B 90 0.20 19.33 7.65
C LEU B 90 -0.47 19.22 6.29
N LYS B 91 -1.30 20.20 5.93
CA LYS B 91 -1.95 20.18 4.62
C LYS B 91 -0.94 20.24 3.49
N ARG B 92 0.12 21.04 3.67
CA ARG B 92 1.14 21.17 2.65
C ARG B 92 1.88 19.86 2.39
N GLN B 93 1.81 18.92 3.34
CA GLN B 93 2.43 17.62 3.21
C GLN B 93 1.43 16.53 2.86
N GLY B 94 0.22 16.89 2.45
CA GLY B 94 -0.79 15.91 2.13
C GLY B 94 -1.26 15.11 3.32
N ARG B 95 -1.38 15.76 4.48
CA ARG B 95 -1.80 15.14 5.72
C ARG B 95 -2.84 16.01 6.41
N THR B 96 -3.85 16.41 5.64
CA THR B 96 -4.88 17.32 6.13
C THR B 96 -5.49 16.83 7.44
N LEU B 97 -5.59 17.74 8.40
CA LEU B 97 -6.11 17.45 9.72
C LEU B 97 -7.35 18.29 9.98
N TYR B 98 -8.45 17.63 10.35
CA TYR B 98 -9.70 18.31 10.65
C TYR B 98 -9.84 18.52 12.15
N GLY B 99 -10.55 19.57 12.52
CA GLY B 99 -10.90 19.82 13.91
C GLY B 99 -10.05 20.82 14.64
N PHE B 100 -9.20 21.58 13.95
CA PHE B 100 -8.38 22.60 14.58
C PHE B 100 -8.41 23.94 13.85
N GLY B 101 -9.36 24.14 12.94
CA GLY B 101 -9.48 25.39 12.23
C GLY B 101 -9.21 25.28 10.75
N ARG C 11 13.18 59.70 -25.53
CA ARG C 11 12.86 58.69 -24.51
C ARG C 11 14.05 57.77 -24.27
N ALA C 12 14.16 57.26 -23.06
CA ALA C 12 15.27 56.38 -22.71
C ALA C 12 15.18 55.06 -23.45
N LYS C 13 16.35 54.52 -23.80
CA LYS C 13 16.40 53.22 -24.46
C LYS C 13 16.05 52.12 -23.46
N ALA C 14 15.19 51.20 -23.90
CA ALA C 14 14.67 50.17 -23.01
C ALA C 14 15.77 49.19 -22.58
N LYS C 15 15.75 48.84 -21.30
CA LYS C 15 16.59 47.78 -20.76
C LYS C 15 15.68 46.75 -20.10
N THR C 16 15.78 45.50 -20.54
CA THR C 16 14.94 44.46 -19.97
C THR C 16 15.26 44.26 -18.50
N ARG C 17 14.23 43.93 -17.73
CA ARG C 17 14.42 43.70 -16.30
C ARG C 17 15.32 42.50 -16.02
N SER C 18 15.47 41.60 -16.99
CA SER C 18 16.44 40.52 -16.85
C SER C 18 17.86 41.05 -16.82
N SER C 19 18.16 42.03 -17.67
CA SER C 19 19.50 42.60 -17.70
C SER C 19 19.80 43.39 -16.42
N ARG C 20 18.79 44.07 -15.86
CA ARG C 20 18.98 44.77 -14.60
C ARG C 20 19.34 43.80 -13.48
N ALA C 21 18.66 42.65 -13.43
CA ALA C 21 18.93 41.65 -12.41
C ALA C 21 20.05 40.71 -12.78
N GLY C 22 20.61 40.82 -13.98
CA GLY C 22 21.65 39.92 -14.42
C GLY C 22 21.17 38.49 -14.61
N LEU C 23 19.98 38.30 -15.16
CA LEU C 23 19.38 36.99 -15.32
C LEU C 23 19.27 36.63 -16.80
N GLN C 24 19.07 35.33 -17.05
CA GLN C 24 18.74 34.85 -18.38
C GLN C 24 17.25 34.60 -18.55
N PHE C 25 16.56 34.17 -17.50
CA PHE C 25 15.13 33.96 -17.57
C PHE C 25 14.40 35.30 -17.64
N PRO C 26 13.23 35.34 -18.28
CA PRO C 26 12.56 36.62 -18.52
C PRO C 26 11.77 37.10 -17.30
N VAL C 27 12.22 38.21 -16.72
CA VAL C 27 11.49 38.79 -15.60
C VAL C 27 10.16 39.36 -16.08
N GLY C 28 10.16 39.98 -17.27
CA GLY C 28 8.93 40.56 -17.79
C GLY C 28 7.86 39.52 -18.08
N ARG C 29 8.25 38.38 -18.65
CA ARG C 29 7.27 37.33 -18.92
C ARG C 29 6.79 36.66 -17.64
N VAL C 30 7.71 36.42 -16.69
CA VAL C 30 7.32 35.83 -15.42
C VAL C 30 6.37 36.77 -14.67
N HIS C 31 6.57 38.07 -14.82
CA HIS C 31 5.66 39.04 -14.22
C HIS C 31 4.27 38.92 -14.81
N ARG C 32 4.18 38.77 -16.14
CA ARG C 32 2.87 38.65 -16.79
C ARG C 32 2.18 37.35 -16.40
N LEU C 33 2.94 36.25 -16.32
CA LEU C 33 2.34 34.99 -15.92
C LEU C 33 1.85 35.02 -14.48
N LEU C 34 2.58 35.70 -13.59
CA LEU C 34 2.10 35.89 -12.23
C LEU C 34 0.84 36.74 -12.20
N ARG C 35 0.79 37.80 -13.01
CA ARG C 35 -0.36 38.69 -13.02
C ARG C 35 -1.60 38.00 -13.56
N LYS C 36 -1.47 37.25 -14.64
CA LYS C 36 -2.60 36.64 -15.32
C LYS C 36 -2.91 35.24 -14.84
N GLY C 37 -2.16 34.71 -13.88
CA GLY C 37 -2.40 33.39 -13.36
C GLY C 37 -3.38 33.29 -12.22
N ASN C 38 -3.98 34.42 -11.84
CA ASN C 38 -4.96 34.47 -10.75
C ASN C 38 -4.35 33.97 -9.44
N TYR C 39 -3.29 34.64 -9.02
CA TYR C 39 -2.58 34.30 -7.80
C TYR C 39 -2.82 35.31 -6.68
N ALA C 40 -2.81 36.59 -7.00
CA ALA C 40 -3.11 37.64 -6.03
C ALA C 40 -3.61 38.86 -6.79
N GLU C 41 -4.23 39.77 -6.05
CA GLU C 41 -4.74 40.99 -6.66
C GLU C 41 -3.61 41.84 -7.23
N ARG C 42 -2.48 41.90 -6.53
CA ARG C 42 -1.35 42.70 -6.96
C ARG C 42 -0.07 41.86 -6.88
N VAL C 43 0.89 42.22 -7.72
CA VAL C 43 2.18 41.54 -7.77
C VAL C 43 3.27 42.58 -7.59
N GLY C 44 4.18 42.34 -6.65
CA GLY C 44 5.25 43.28 -6.38
C GLY C 44 6.28 43.34 -7.49
N ALA C 45 7.15 44.33 -7.39
CA ALA C 45 8.19 44.52 -8.39
C ALA C 45 9.30 43.48 -8.27
N GLY C 46 9.65 43.08 -7.05
CA GLY C 46 10.70 42.11 -6.85
C GLY C 46 10.28 40.66 -6.92
N ALA C 47 8.97 40.39 -6.94
CA ALA C 47 8.51 39.00 -7.05
C ALA C 47 8.93 38.35 -8.36
N PRO C 48 8.74 38.95 -9.54
CA PRO C 48 9.24 38.31 -10.76
C PRO C 48 10.75 38.19 -10.80
N VAL C 49 11.46 39.15 -10.20
CA VAL C 49 12.92 39.07 -10.16
C VAL C 49 13.36 37.92 -9.26
N TYR C 50 12.71 37.76 -8.12
CA TYR C 50 13.05 36.66 -7.23
C TYR C 50 12.68 35.32 -7.84
N LEU C 51 11.52 35.24 -8.50
CA LEU C 51 11.08 33.97 -9.06
C LEU C 51 11.91 33.57 -10.28
N ALA C 52 12.24 34.53 -11.15
CA ALA C 52 13.06 34.21 -12.31
C ALA C 52 14.45 33.78 -11.90
N ALA C 53 14.96 34.34 -10.80
CA ALA C 53 16.27 33.94 -10.30
C ALA C 53 16.23 32.52 -9.74
N VAL C 54 15.14 32.15 -9.07
CA VAL C 54 15.00 30.80 -8.55
C VAL C 54 14.81 29.80 -9.68
N LEU C 55 13.98 30.15 -10.67
CA LEU C 55 13.77 29.27 -11.82
C LEU C 55 15.06 29.10 -12.61
N GLU C 56 15.84 30.17 -12.76
CA GLU C 56 17.10 30.08 -13.47
C GLU C 56 18.11 29.21 -12.72
N TYR C 57 18.11 29.30 -11.39
CA TYR C 57 19.02 28.48 -10.60
C TYR C 57 18.66 27.01 -10.70
N LEU C 58 17.38 26.68 -10.54
CA LEU C 58 16.96 25.29 -10.61
C LEU C 58 17.20 24.71 -12.00
N THR C 59 17.06 25.53 -13.03
CA THR C 59 17.37 25.08 -14.38
C THR C 59 18.86 24.78 -14.53
N ALA C 60 19.72 25.66 -14.01
CA ALA C 60 21.15 25.43 -14.12
C ALA C 60 21.59 24.22 -13.29
N GLU C 61 20.87 23.93 -12.21
CA GLU C 61 21.21 22.78 -11.38
C GLU C 61 21.03 21.47 -12.15
N ILE C 62 19.91 21.34 -12.86
CA ILE C 62 19.65 20.12 -13.61
C ILE C 62 20.56 20.03 -14.82
N LEU C 63 20.72 21.14 -15.54
CA LEU C 63 21.52 21.12 -16.76
C LEU C 63 22.99 20.86 -16.47
N GLU C 64 23.47 21.29 -15.29
CA GLU C 64 24.83 20.96 -14.90
C GLU C 64 25.00 19.47 -14.66
N LEU C 65 24.05 18.86 -13.94
CA LEU C 65 24.13 17.44 -13.65
C LEU C 65 23.83 16.60 -14.87
N ALA C 66 22.98 17.09 -15.77
CA ALA C 66 22.64 16.35 -16.98
C ALA C 66 23.76 16.39 -18.00
N GLY C 67 24.44 17.53 -18.11
CA GLY C 67 25.59 17.61 -19.00
C GLY C 67 26.73 16.72 -18.55
N ASN C 68 26.88 16.56 -17.23
CA ASN C 68 27.88 15.63 -16.72
C ASN C 68 27.53 14.19 -17.07
N ALA C 69 26.26 13.82 -16.93
CA ALA C 69 25.83 12.47 -17.30
C ALA C 69 25.93 12.25 -18.80
N ALA C 70 25.72 13.29 -19.60
CA ALA C 70 25.93 13.17 -21.03
C ALA C 70 27.40 12.94 -21.35
N ARG C 71 28.29 13.62 -20.64
CA ARG C 71 29.72 13.42 -20.85
C ARG C 71 30.17 12.04 -20.37
N ASP C 72 29.58 11.52 -19.29
CA ASP C 72 29.90 10.19 -18.82
C ASP C 72 29.51 9.10 -19.79
N ASN C 73 28.61 9.38 -20.73
CA ASN C 73 28.22 8.44 -21.78
C ASN C 73 28.87 8.78 -23.12
N LYS C 74 29.87 9.66 -23.12
CA LYS C 74 30.56 10.10 -24.33
C LYS C 74 29.60 10.76 -25.32
N LYS C 75 28.59 11.47 -24.82
CA LYS C 75 27.63 12.17 -25.64
C LYS C 75 27.75 13.67 -25.40
N THR C 76 27.62 14.44 -26.48
CA THR C 76 27.69 15.89 -26.42
C THR C 76 26.33 16.53 -26.64
N ARG C 77 25.27 15.85 -26.22
CA ARG C 77 23.90 16.35 -26.40
C ARG C 77 23.02 15.70 -25.35
N ILE C 78 22.29 16.51 -24.60
CA ILE C 78 21.47 16.01 -23.51
C ILE C 78 20.18 15.41 -24.06
N ILE C 79 19.87 14.19 -23.65
CA ILE C 79 18.66 13.50 -24.05
C ILE C 79 17.85 13.24 -22.78
N PRO C 80 16.59 12.83 -22.87
CA PRO C 80 15.81 12.59 -21.64
C PRO C 80 16.43 11.59 -20.68
N ARG C 81 17.24 10.65 -21.17
CA ARG C 81 17.90 9.70 -20.29
C ARG C 81 18.86 10.41 -19.35
N HIS C 82 19.59 11.41 -19.85
CA HIS C 82 20.54 12.13 -19.02
C HIS C 82 19.84 12.98 -17.96
N LEU C 83 18.69 13.57 -18.31
CA LEU C 83 17.89 14.27 -17.31
C LEU C 83 17.40 13.33 -16.24
N GLN C 84 16.96 12.13 -16.63
CA GLN C 84 16.54 11.13 -15.66
C GLN C 84 17.70 10.72 -14.75
N LEU C 85 18.87 10.50 -15.33
CA LEU C 85 20.03 10.12 -14.54
C LEU C 85 20.44 11.24 -13.59
N ALA C 86 20.40 12.49 -14.07
CA ALA C 86 20.78 13.62 -13.23
C ALA C 86 19.84 13.76 -12.04
N VAL C 87 18.53 13.68 -12.29
CA VAL C 87 17.55 13.92 -11.24
C VAL C 87 17.58 12.81 -10.20
N ARG C 88 17.63 11.56 -10.65
CA ARG C 88 17.57 10.44 -9.71
C ARG C 88 18.87 10.24 -8.93
N ASN C 89 20.00 10.68 -9.48
CA ASN C 89 21.26 10.56 -8.77
C ASN C 89 21.58 11.75 -7.87
N ASP C 90 20.73 12.77 -7.87
CA ASP C 90 20.83 13.87 -6.92
C ASP C 90 19.78 13.67 -5.84
N GLU C 91 20.22 13.67 -4.58
CA GLU C 91 19.33 13.35 -3.48
C GLU C 91 18.21 14.38 -3.34
N GLU C 92 18.53 15.65 -3.58
CA GLU C 92 17.54 16.71 -3.37
C GLU C 92 16.66 16.91 -4.60
N LEU C 93 17.23 16.82 -5.80
CA LEU C 93 16.42 16.91 -7.01
C LEU C 93 15.47 15.74 -7.14
N ASN C 94 15.89 14.55 -6.72
CA ASN C 94 15.00 13.39 -6.71
C ASN C 94 13.86 13.61 -5.72
N LYS C 95 14.10 14.36 -4.65
CA LYS C 95 13.03 14.64 -3.69
C LYS C 95 12.08 15.69 -4.24
N LEU C 96 12.60 16.70 -4.93
CA LEU C 96 11.74 17.71 -5.55
C LEU C 96 10.87 17.09 -6.64
N LEU C 97 11.45 16.22 -7.46
CA LEU C 97 10.74 15.56 -8.56
C LEU C 97 10.40 14.12 -8.21
N GLY C 98 10.03 13.87 -6.96
CA GLY C 98 9.76 12.51 -6.53
C GLY C 98 8.54 11.90 -7.19
N ARG C 99 7.48 12.69 -7.34
CA ARG C 99 6.23 12.22 -7.93
C ARG C 99 6.10 12.66 -9.39
N VAL C 100 7.21 12.71 -10.11
CA VAL C 100 7.25 13.20 -11.49
C VAL C 100 7.85 12.11 -12.37
N THR C 101 7.21 11.85 -13.50
CA THR C 101 7.69 10.88 -14.48
C THR C 101 8.31 11.63 -15.64
N ILE C 102 9.55 11.30 -15.98
CA ILE C 102 10.24 11.84 -17.13
C ILE C 102 10.11 10.85 -18.28
N ALA C 103 9.54 11.30 -19.39
CA ALA C 103 9.32 10.42 -20.53
C ALA C 103 10.64 10.06 -21.20
N GLN C 104 10.75 8.80 -21.63
CA GLN C 104 11.94 8.28 -22.31
C GLN C 104 13.19 8.40 -21.44
N GLY C 105 13.03 8.28 -20.13
CA GLY C 105 14.15 8.39 -19.22
C GLY C 105 14.62 7.07 -18.65
N GLY C 106 13.74 6.08 -18.64
CA GLY C 106 14.11 4.81 -18.07
C GLY C 106 14.17 4.85 -16.55
N VAL C 107 14.96 3.94 -16.00
CA VAL C 107 15.17 3.84 -14.56
C VAL C 107 16.66 3.82 -14.28
N LEU C 108 17.01 3.92 -12.99
CA LEU C 108 18.39 3.74 -12.61
C LEU C 108 18.77 2.27 -12.64
N PRO C 109 20.00 1.95 -13.05
CA PRO C 109 20.45 0.56 -13.04
C PRO C 109 20.73 0.04 -11.64
N ASN C 110 19.69 -0.43 -10.95
CA ASN C 110 19.81 -0.94 -9.59
C ASN C 110 19.31 -2.38 -9.55
N ILE C 111 20.18 -3.30 -9.14
CA ILE C 111 19.83 -4.70 -8.94
C ILE C 111 20.04 -5.03 -7.47
N GLN C 112 19.06 -5.69 -6.86
CA GLN C 112 19.18 -6.07 -5.46
C GLN C 112 20.32 -7.07 -5.28
N SER C 113 21.00 -6.96 -4.15
CA SER C 113 22.19 -7.77 -3.91
C SER C 113 21.86 -9.24 -3.64
N VAL C 114 20.63 -9.54 -3.22
CA VAL C 114 20.24 -10.92 -2.98
C VAL C 114 19.92 -11.65 -4.28
N LEU C 115 19.74 -10.92 -5.38
CA LEU C 115 19.47 -11.52 -6.68
C LEU C 115 20.74 -11.86 -7.43
N LEU C 116 21.89 -11.33 -7.02
CA LEU C 116 23.14 -11.60 -7.70
C LEU C 116 23.61 -13.03 -7.40
N PRO C 117 24.39 -13.62 -8.30
CA PRO C 117 24.88 -14.97 -8.07
C PRO C 117 25.87 -15.01 -6.91
N LYS C 118 25.98 -16.18 -6.29
CA LYS C 118 26.89 -16.38 -5.17
C LYS C 118 28.34 -16.21 -5.60
N ARG D 27 0.13 31.16 -41.10
CA ARG D 27 1.15 31.02 -40.07
C ARG D 27 0.54 30.53 -38.76
N LYS D 28 1.21 29.58 -38.11
CA LYS D 28 0.71 29.02 -36.87
C LYS D 28 0.75 30.04 -35.75
N THR D 29 -0.15 29.87 -34.78
CA THR D 29 -0.19 30.76 -33.62
C THR D 29 1.08 30.62 -32.79
N ARG D 30 1.50 31.74 -32.21
CA ARG D 30 2.72 31.74 -31.41
C ARG D 30 2.48 31.03 -30.09
N LYS D 31 3.46 30.20 -29.70
CA LYS D 31 3.40 29.42 -28.46
C LYS D 31 4.67 29.71 -27.68
N GLU D 32 4.53 30.35 -26.53
CA GLU D 32 5.67 30.75 -25.73
C GLU D 32 6.22 29.56 -24.93
N SER D 33 7.55 29.49 -24.85
CA SER D 33 8.21 28.46 -24.06
C SER D 33 9.53 29.03 -23.55
N TYR D 34 10.09 28.36 -22.54
CA TYR D 34 11.37 28.74 -21.98
C TYR D 34 12.54 28.12 -22.74
N ALA D 35 12.33 27.73 -23.99
CA ALA D 35 13.36 27.01 -24.73
C ALA D 35 14.60 27.86 -24.93
N ILE D 36 14.42 29.14 -25.30
CA ILE D 36 15.59 29.98 -25.56
C ILE D 36 16.28 30.37 -24.28
N TYR D 37 15.58 30.35 -23.15
CA TYR D 37 16.19 30.70 -21.88
C TYR D 37 16.88 29.50 -21.25
N VAL D 38 16.28 28.32 -21.37
CA VAL D 38 16.95 27.10 -20.92
C VAL D 38 18.22 26.87 -21.72
N TYR D 39 18.18 27.19 -23.01
CA TYR D 39 19.38 27.05 -23.85
C TYR D 39 20.47 28.03 -23.44
N LYS D 40 20.09 29.27 -23.10
CA LYS D 40 21.07 30.24 -22.65
C LYS D 40 21.72 29.81 -21.34
N VAL D 41 20.93 29.26 -20.42
CA VAL D 41 21.48 28.75 -19.17
C VAL D 41 22.40 27.56 -19.43
N LEU D 42 22.05 26.73 -20.41
CA LEU D 42 22.88 25.58 -20.73
C LEU D 42 24.25 26.00 -21.26
N LYS D 43 24.28 27.07 -22.07
CA LYS D 43 25.53 27.48 -22.68
C LYS D 43 26.49 28.13 -21.69
N GLN D 44 26.05 28.41 -20.47
CA GLN D 44 26.98 28.88 -19.45
C GLN D 44 27.57 27.72 -18.67
N VAL D 45 26.73 26.79 -18.23
CA VAL D 45 27.23 25.64 -17.46
C VAL D 45 28.03 24.70 -18.36
N HIS D 46 27.57 24.47 -19.58
CA HIS D 46 28.21 23.56 -20.52
C HIS D 46 28.26 24.22 -21.90
N PRO D 47 29.32 24.99 -22.18
CA PRO D 47 29.37 25.73 -23.45
C PRO D 47 29.31 24.83 -24.69
N ASP D 48 29.89 23.64 -24.64
CA ASP D 48 29.97 22.78 -25.81
C ASP D 48 28.87 21.72 -25.88
N THR D 49 28.01 21.63 -24.87
CA THR D 49 26.98 20.62 -24.82
C THR D 49 25.67 21.16 -25.36
N GLY D 50 25.03 20.39 -26.24
CA GLY D 50 23.72 20.73 -26.75
C GLY D 50 22.61 19.97 -26.04
N ILE D 51 21.41 20.07 -26.59
CA ILE D 51 20.23 19.42 -26.00
C ILE D 51 19.27 19.06 -27.11
N SER D 52 18.64 17.90 -26.98
CA SER D 52 17.66 17.45 -27.95
C SER D 52 16.31 18.11 -27.68
N SER D 53 15.44 18.08 -28.68
CA SER D 53 14.15 18.76 -28.56
C SER D 53 13.24 18.03 -27.58
N LYS D 54 13.45 16.74 -27.36
CA LYS D 54 12.65 16.02 -26.38
C LYS D 54 13.11 16.35 -24.97
N ALA D 55 14.42 16.52 -24.77
CA ALA D 55 14.92 16.95 -23.47
C ALA D 55 14.60 18.42 -23.21
N MET D 56 14.58 19.23 -24.27
CA MET D 56 14.15 20.61 -24.13
C MET D 56 12.68 20.70 -23.73
N SER D 57 11.85 19.81 -24.28
CA SER D 57 10.44 19.78 -23.90
C SER D 57 10.26 19.34 -22.46
N ILE D 58 11.11 18.44 -21.98
CA ILE D 58 11.06 18.03 -20.57
C ILE D 58 11.51 19.16 -19.67
N MET D 59 12.52 19.92 -20.11
CA MET D 59 13.00 21.03 -19.30
C MET D 59 12.00 22.18 -19.27
N ASN D 60 11.24 22.35 -20.36
CA ASN D 60 10.17 23.34 -20.38
C ASN D 60 9.04 22.96 -19.43
N SER D 61 8.74 21.66 -19.35
CA SER D 61 7.71 21.21 -18.41
C SER D 61 8.19 21.33 -16.97
N PHE D 62 9.49 21.20 -16.74
CA PHE D 62 10.03 21.34 -15.39
C PHE D 62 9.89 22.78 -14.89
N VAL D 63 10.17 23.75 -15.76
CA VAL D 63 10.09 25.15 -15.36
C VAL D 63 8.64 25.55 -15.11
N ASN D 64 7.74 25.12 -15.98
CA ASN D 64 6.32 25.42 -15.77
C ASN D 64 5.79 24.77 -14.51
N ASP D 65 6.20 23.54 -14.24
CA ASP D 65 5.73 22.84 -13.05
C ASP D 65 6.23 23.52 -11.78
N VAL D 66 7.49 23.94 -11.77
CA VAL D 66 8.03 24.62 -10.59
C VAL D 66 7.44 26.02 -10.46
N PHE D 67 7.10 26.65 -11.58
CA PHE D 67 6.45 27.96 -11.54
C PHE D 67 5.10 27.89 -10.82
N GLU D 68 4.28 26.89 -11.15
CA GLU D 68 2.98 26.78 -10.52
C GLU D 68 3.10 26.41 -9.05
N ARG D 69 4.12 25.64 -8.69
CA ARG D 69 4.33 25.28 -7.29
C ARG D 69 4.68 26.49 -6.45
N ILE D 70 5.66 27.27 -6.90
CA ILE D 70 6.10 28.43 -6.12
C ILE D 70 5.02 29.51 -6.13
N ALA D 71 4.46 29.81 -7.30
CA ALA D 71 3.43 30.83 -7.37
C ALA D 71 2.16 30.40 -6.66
N GLY D 72 1.82 29.11 -6.74
CA GLY D 72 0.66 28.62 -6.01
C GLY D 72 0.85 28.65 -4.50
N GLU D 73 2.05 28.28 -4.04
CA GLU D 73 2.34 28.35 -2.60
C GLU D 73 2.37 29.80 -2.12
N ALA D 74 2.96 30.69 -2.92
CA ALA D 74 3.00 32.11 -2.54
C ALA D 74 1.60 32.72 -2.55
N SER D 75 0.74 32.26 -3.45
CA SER D 75 -0.63 32.76 -3.49
C SER D 75 -1.38 32.39 -2.21
N ARG D 76 -1.10 31.21 -1.66
CA ARG D 76 -1.74 30.81 -0.41
C ARG D 76 -1.19 31.60 0.78
N LEU D 77 0.08 31.96 0.73
CA LEU D 77 0.67 32.73 1.82
C LEU D 77 0.03 34.10 1.94
N ALA D 78 -0.25 34.75 0.81
CA ALA D 78 -0.95 36.03 0.84
C ALA D 78 -2.37 35.87 1.38
N HIS D 79 -3.04 34.77 1.02
CA HIS D 79 -4.40 34.55 1.49
C HIS D 79 -4.42 34.26 2.98
N TYR D 80 -3.44 33.51 3.49
CA TYR D 80 -3.40 33.22 4.91
C TYR D 80 -3.23 34.48 5.74
N ASN D 81 -2.38 35.39 5.27
CA ASN D 81 -2.04 36.60 6.00
C ASN D 81 -2.89 37.79 5.60
N LYS D 82 -3.98 37.57 4.87
CA LYS D 82 -4.89 38.62 4.43
C LYS D 82 -4.15 39.71 3.67
N ARG D 83 -3.23 39.29 2.80
CA ARG D 83 -2.46 40.20 1.96
C ARG D 83 -2.99 40.15 0.53
N SER D 84 -3.00 41.29 -0.12
CA SER D 84 -3.47 41.40 -1.50
C SER D 84 -2.33 41.41 -2.50
N THR D 85 -1.08 41.29 -2.05
CA THR D 85 0.08 41.42 -2.91
C THR D 85 0.99 40.22 -2.75
N ILE D 86 1.52 39.73 -3.87
CA ILE D 86 2.60 38.75 -3.85
C ILE D 86 3.91 39.51 -4.05
N THR D 87 4.79 39.43 -3.07
CA THR D 87 6.05 40.14 -3.05
C THR D 87 7.19 39.13 -3.05
N SER D 88 8.42 39.64 -3.10
CA SER D 88 9.58 38.74 -3.03
C SER D 88 9.66 38.04 -1.69
N ARG D 89 9.01 38.57 -0.66
CA ARG D 89 8.98 37.90 0.63
C ARG D 89 8.05 36.69 0.60
N GLU D 90 6.94 36.79 -0.13
CA GLU D 90 6.06 35.63 -0.29
C GLU D 90 6.72 34.58 -1.18
N ILE D 91 7.45 35.01 -2.20
CA ILE D 91 8.15 34.06 -3.07
C ILE D 91 9.27 33.37 -2.30
N GLN D 92 9.98 34.11 -1.45
CA GLN D 92 11.07 33.53 -0.68
C GLN D 92 10.56 32.47 0.29
N THR D 93 9.42 32.73 0.94
CA THR D 93 8.85 31.75 1.86
C THR D 93 8.36 30.51 1.11
N ALA D 94 7.79 30.72 -0.08
CA ALA D 94 7.37 29.59 -0.90
C ALA D 94 8.56 28.72 -1.31
N VAL D 95 9.69 29.35 -1.63
CA VAL D 95 10.89 28.61 -2.01
C VAL D 95 11.37 27.76 -0.85
N ARG D 96 11.36 28.30 0.37
CA ARG D 96 11.79 27.53 1.54
C ARG D 96 10.82 26.40 1.84
N LEU D 97 9.54 26.58 1.53
CA LEU D 97 8.55 25.55 1.83
C LEU D 97 8.61 24.39 0.85
N LEU D 98 8.99 24.64 -0.41
CA LEU D 98 8.94 23.63 -1.45
C LEU D 98 10.29 22.98 -1.71
N LEU D 99 11.32 23.77 -1.94
CA LEU D 99 12.62 23.20 -2.25
C LEU D 99 13.24 22.59 -0.99
N PRO D 100 13.85 21.41 -1.12
CA PRO D 100 14.38 20.73 0.06
C PRO D 100 15.84 21.08 0.38
N GLY D 101 16.11 21.32 1.66
CA GLY D 101 17.46 21.42 2.18
C GLY D 101 18.41 22.38 1.48
N GLU D 102 19.45 21.83 0.86
CA GLU D 102 20.49 22.65 0.25
C GLU D 102 19.98 23.37 -0.99
N LEU D 103 18.93 22.85 -1.63
CA LEU D 103 18.35 23.54 -2.78
C LEU D 103 17.74 24.88 -2.36
N ALA D 104 16.99 24.87 -1.25
CA ALA D 104 16.34 26.09 -0.79
C ALA D 104 17.36 27.14 -0.38
N LYS D 105 18.45 26.73 0.26
CA LYS D 105 19.45 27.70 0.71
C LYS D 105 20.12 28.40 -0.45
N HIS D 106 20.43 27.66 -1.51
CA HIS D 106 21.08 28.27 -2.68
C HIS D 106 20.08 29.06 -3.52
N ALA D 107 18.83 28.58 -3.60
CA ALA D 107 17.82 29.29 -4.37
C ALA D 107 17.46 30.61 -3.72
N VAL D 108 17.41 30.66 -2.39
CA VAL D 108 17.18 31.92 -1.70
C VAL D 108 18.35 32.86 -1.93
N SER D 109 19.57 32.32 -1.95
CA SER D 109 20.75 33.15 -2.17
C SER D 109 20.72 33.77 -3.57
N GLU D 110 20.37 32.98 -4.58
CA GLU D 110 20.27 33.51 -5.94
C GLU D 110 19.12 34.51 -6.07
N GLY D 111 17.98 34.20 -5.45
CA GLY D 111 16.86 35.13 -5.52
C GLY D 111 17.13 36.44 -4.82
N THR D 112 17.74 36.39 -3.63
CA THR D 112 18.07 37.61 -2.91
C THR D 112 19.12 38.41 -3.66
N LYS D 113 20.11 37.74 -4.26
CA LYS D 113 21.15 38.46 -4.98
C LYS D 113 20.59 39.18 -6.20
N ALA D 114 19.60 38.58 -6.86
CA ALA D 114 19.02 39.21 -8.04
C ALA D 114 18.19 40.43 -7.67
N VAL D 115 17.38 40.33 -6.61
CA VAL D 115 16.57 41.46 -6.19
C VAL D 115 17.46 42.61 -5.73
N THR D 116 18.53 42.29 -5.01
CA THR D 116 19.47 43.34 -4.58
C THR D 116 20.11 44.00 -5.80
N LYS D 117 20.52 43.22 -6.78
CA LYS D 117 21.11 43.77 -7.99
C LYS D 117 20.07 44.56 -8.80
N TYR D 118 18.84 44.04 -8.87
CA TYR D 118 17.78 44.73 -9.60
C TYR D 118 17.42 46.06 -8.94
N THR D 119 17.35 46.06 -7.60
CA THR D 119 17.01 47.29 -6.89
C THR D 119 18.08 48.37 -7.07
N SER D 120 19.35 47.98 -7.04
CA SER D 120 20.42 48.96 -7.18
C SER D 120 20.50 49.54 -8.58
N ALA D 121 19.98 48.83 -9.58
CA ALA D 121 20.00 49.35 -10.95
C ALA D 121 18.90 50.39 -11.16
N LYS D 122 17.64 49.97 -11.02
CA LYS D 122 16.49 50.86 -11.11
C LYS D 122 15.22 50.12 -10.71
N PRO E 38 24.55 -29.29 -26.25
CA PRO E 38 24.52 -27.86 -26.58
C PRO E 38 24.78 -26.97 -25.37
N HIS E 39 24.66 -25.66 -25.57
CA HIS E 39 24.95 -24.69 -24.51
C HIS E 39 23.66 -24.26 -23.83
N ARG E 40 23.63 -24.37 -22.50
CA ARG E 40 22.50 -23.95 -21.70
C ARG E 40 22.99 -23.09 -20.55
N TYR E 41 22.38 -21.92 -20.39
CA TYR E 41 22.64 -21.11 -19.22
C TYR E 41 21.80 -21.62 -18.06
N ARG E 42 22.26 -21.31 -16.85
CA ARG E 42 21.55 -21.72 -15.65
C ARG E 42 20.29 -20.87 -15.47
N PRO E 43 19.31 -21.38 -14.73
CA PRO E 43 18.04 -20.65 -14.58
C PRO E 43 18.18 -19.43 -13.69
N GLY E 44 18.57 -18.31 -14.28
CA GLY E 44 18.72 -17.07 -13.56
C GLY E 44 19.85 -16.22 -14.11
N THR E 45 20.72 -16.84 -14.92
CA THR E 45 21.79 -16.09 -15.56
C THR E 45 21.26 -15.19 -16.65
N VAL E 46 20.36 -15.70 -17.50
CA VAL E 46 19.78 -14.89 -18.55
C VAL E 46 18.85 -13.84 -17.96
N ALA E 47 18.12 -14.18 -16.89
CA ALA E 47 17.23 -13.21 -16.27
C ALA E 47 17.98 -11.99 -15.77
N LEU E 48 19.12 -12.22 -15.11
CA LEU E 48 19.95 -11.10 -14.68
C LEU E 48 20.50 -10.32 -15.88
N ARG E 49 20.74 -11.00 -16.99
CA ARG E 49 21.17 -10.32 -18.20
C ARG E 49 20.07 -9.43 -18.76
N GLU E 50 18.82 -9.89 -18.69
CA GLU E 50 17.70 -9.07 -19.14
C GLU E 50 17.52 -7.86 -18.23
N ILE E 51 17.75 -8.03 -16.92
CA ILE E 51 17.60 -6.91 -15.99
C ILE E 51 18.56 -5.80 -16.35
N ARG E 52 19.80 -6.16 -16.69
CA ARG E 52 20.81 -5.14 -16.98
C ARG E 52 20.51 -4.40 -18.28
N ARG E 53 20.02 -5.12 -19.30
CA ARG E 53 19.80 -4.47 -20.58
C ARG E 53 18.56 -3.59 -20.57
N TYR E 54 17.53 -4.00 -19.82
CA TYR E 54 16.30 -3.20 -19.77
C TYR E 54 16.40 -2.04 -18.78
N GLN E 55 17.30 -2.13 -17.80
CA GLN E 55 17.57 -0.97 -16.96
C GLN E 55 18.56 -0.01 -17.59
N LYS E 56 19.21 -0.41 -18.68
CA LYS E 56 20.12 0.45 -19.41
C LYS E 56 19.43 1.17 -20.56
N SER E 57 18.29 0.68 -21.01
CA SER E 57 17.57 1.25 -22.13
C SER E 57 16.42 2.12 -21.64
N THR E 58 15.80 2.85 -22.57
CA THR E 58 14.71 3.74 -22.25
C THR E 58 13.48 3.54 -23.13
N GLU E 59 13.49 2.56 -24.03
CA GLU E 59 12.37 2.40 -24.93
C GLU E 59 11.16 1.81 -24.22
N LEU E 60 10.00 1.92 -24.86
CA LEU E 60 8.77 1.37 -24.30
C LEU E 60 8.74 -0.14 -24.50
N LEU E 61 8.37 -0.85 -23.44
CA LEU E 61 8.47 -2.31 -23.42
C LEU E 61 7.18 -3.01 -23.82
N ILE E 62 6.10 -2.29 -24.03
CA ILE E 62 4.85 -2.85 -24.52
C ILE E 62 4.70 -2.47 -25.99
N ARG E 63 4.16 -3.41 -26.77
CA ARG E 63 3.92 -3.14 -28.19
C ARG E 63 2.88 -2.02 -28.34
N LYS E 64 3.12 -1.14 -29.31
CA LYS E 64 2.34 0.08 -29.40
C LYS E 64 0.90 -0.19 -29.85
N LEU E 65 0.73 -0.98 -30.91
CA LEU E 65 -0.62 -1.27 -31.38
C LEU E 65 -1.46 -2.04 -30.38
N PRO E 66 -0.98 -3.12 -29.74
CA PRO E 66 -1.81 -3.78 -28.71
C PRO E 66 -2.19 -2.86 -27.57
N PHE E 67 -1.33 -1.91 -27.19
CA PHE E 67 -1.67 -0.97 -26.14
C PHE E 67 -2.66 0.06 -26.63
N GLN E 68 -2.49 0.55 -27.86
CA GLN E 68 -3.41 1.53 -28.41
C GLN E 68 -4.82 0.97 -28.53
N ARG E 69 -4.93 -0.30 -28.93
CA ARG E 69 -6.24 -0.95 -28.99
C ARG E 69 -6.86 -1.08 -27.60
N LEU E 70 -6.03 -1.37 -26.59
CA LEU E 70 -6.53 -1.46 -25.22
C LEU E 70 -7.00 -0.09 -24.72
N VAL E 71 -6.30 0.98 -25.09
CA VAL E 71 -6.70 2.32 -24.68
C VAL E 71 -8.06 2.67 -25.28
N ARG E 72 -8.26 2.36 -26.56
CA ARG E 72 -9.52 2.69 -27.21
C ARG E 72 -10.66 1.84 -26.68
N GLU E 73 -10.37 0.60 -26.27
CA GLU E 73 -11.42 -0.23 -25.68
C GLU E 73 -11.87 0.31 -24.34
N ILE E 74 -10.94 0.77 -23.51
CA ILE E 74 -11.29 1.30 -22.20
C ILE E 74 -12.08 2.59 -22.34
N ALA E 75 -11.67 3.46 -23.26
CA ALA E 75 -12.37 4.72 -23.47
C ALA E 75 -13.79 4.54 -23.98
N GLN E 76 -14.09 3.39 -24.59
CA GLN E 76 -15.44 3.16 -25.09
C GLN E 76 -16.47 3.14 -23.97
N ASP E 77 -16.06 2.77 -22.76
CA ASP E 77 -16.98 2.77 -21.63
C ASP E 77 -17.32 4.18 -21.18
N PHE E 78 -16.57 5.18 -21.61
CA PHE E 78 -16.77 6.56 -21.18
C PHE E 78 -17.39 7.46 -22.24
N LYS E 79 -17.12 7.20 -23.51
CA LYS E 79 -17.67 8.03 -24.58
C LYS E 79 -17.58 7.31 -25.92
N THR E 80 -18.70 7.18 -26.61
CA THR E 80 -18.73 6.54 -27.92
C THR E 80 -18.13 7.46 -28.97
N ASP E 81 -17.49 6.85 -29.96
CA ASP E 81 -16.86 7.57 -31.07
C ASP E 81 -15.83 8.58 -30.57
N LEU E 82 -14.82 8.06 -29.88
CA LEU E 82 -13.74 8.88 -29.35
C LEU E 82 -12.53 8.80 -30.26
N ARG E 83 -11.94 9.95 -30.53
CA ARG E 83 -10.68 10.03 -31.25
C ARG E 83 -9.53 10.24 -30.28
N PHE E 84 -8.34 9.88 -30.72
CA PHE E 84 -7.14 10.03 -29.92
C PHE E 84 -6.04 10.61 -30.78
N GLN E 85 -5.28 11.55 -30.22
CA GLN E 85 -4.05 11.98 -30.85
C GLN E 85 -3.01 10.89 -30.74
N SER E 86 -2.01 10.95 -31.61
CA SER E 86 -0.92 9.98 -31.52
C SER E 86 -0.16 10.15 -30.21
N SER E 87 0.06 11.40 -29.78
CA SER E 87 0.79 11.64 -28.55
C SER E 87 -0.07 11.41 -27.32
N ALA E 88 -1.40 11.44 -27.45
CA ALA E 88 -2.26 11.13 -26.32
C ALA E 88 -2.11 9.67 -25.89
N VAL E 89 -2.04 8.77 -26.87
CA VAL E 89 -1.80 7.36 -26.56
C VAL E 89 -0.37 7.15 -26.09
N MET E 90 0.59 7.87 -26.70
CA MET E 90 1.97 7.76 -26.28
C MET E 90 2.17 8.24 -24.84
N ALA E 91 1.50 9.32 -24.47
CA ALA E 91 1.58 9.79 -23.09
C ALA E 91 0.98 8.77 -22.13
N LEU E 92 -0.09 8.10 -22.55
CA LEU E 92 -0.69 7.06 -21.72
C LEU E 92 0.24 5.87 -21.55
N GLN E 93 1.03 5.56 -22.59
CA GLN E 93 1.93 4.43 -22.50
C GLN E 93 3.15 4.75 -21.65
N GLU E 94 3.69 5.96 -21.76
CA GLU E 94 4.82 6.34 -20.93
C GLU E 94 4.44 6.33 -19.45
N ALA E 95 3.24 6.82 -19.15
CA ALA E 95 2.78 6.83 -17.77
C ALA E 95 2.41 5.43 -17.29
N SER E 96 1.83 4.62 -18.18
CA SER E 96 1.44 3.27 -17.78
C SER E 96 2.64 2.40 -17.51
N GLU E 97 3.67 2.47 -18.35
CA GLU E 97 4.85 1.66 -18.15
C GLU E 97 5.68 2.16 -16.99
N ALA E 98 5.74 3.48 -16.79
CA ALA E 98 6.40 4.01 -15.61
C ALA E 98 5.71 3.56 -14.33
N TYR E 99 4.38 3.52 -14.35
CA TYR E 99 3.64 3.04 -13.20
C TYR E 99 3.90 1.57 -12.93
N LEU E 100 3.95 0.75 -13.99
CA LEU E 100 4.11 -0.69 -13.80
C LEU E 100 5.54 -1.04 -13.39
N VAL E 101 6.53 -0.36 -13.97
CA VAL E 101 7.91 -0.62 -13.58
C VAL E 101 8.13 -0.23 -12.12
N ALA E 102 7.58 0.92 -11.70
CA ALA E 102 7.74 1.35 -10.31
C ALA E 102 7.01 0.43 -9.36
N LEU E 103 5.91 -0.18 -9.80
CA LEU E 103 5.19 -1.12 -8.95
C LEU E 103 5.94 -2.43 -8.80
N PHE E 104 6.66 -2.85 -9.85
CA PHE E 104 7.44 -4.08 -9.75
C PHE E 104 8.65 -3.90 -8.84
N GLU E 105 9.18 -2.68 -8.74
CA GLU E 105 10.24 -2.42 -7.77
C GLU E 105 9.71 -2.56 -6.35
N ASP E 106 8.52 -2.02 -6.08
CA ASP E 106 7.88 -2.22 -4.78
C ASP E 106 7.52 -3.69 -4.58
N THR E 107 7.02 -4.34 -5.64
CA THR E 107 6.69 -5.75 -5.56
C THR E 107 7.91 -6.61 -5.27
N ASN E 108 9.05 -6.26 -5.88
CA ASN E 108 10.27 -7.02 -5.66
C ASN E 108 10.73 -6.92 -4.21
N LEU E 109 10.61 -5.73 -3.62
CA LEU E 109 11.02 -5.55 -2.23
C LEU E 109 10.15 -6.36 -1.28
N CYS E 110 8.87 -6.53 -1.63
CA CYS E 110 7.99 -7.37 -0.80
C CYS E 110 8.37 -8.84 -0.91
N ALA E 111 8.83 -9.27 -2.09
CA ALA E 111 9.28 -10.65 -2.26
C ALA E 111 10.54 -10.91 -1.45
N ILE E 112 11.51 -10.00 -1.51
CA ILE E 112 12.75 -10.16 -0.76
C ILE E 112 12.48 -10.09 0.73
N HIS E 113 11.50 -9.27 1.14
CA HIS E 113 11.13 -9.20 2.55
C HIS E 113 10.64 -10.55 3.06
N ALA E 114 9.86 -11.27 2.24
CA ALA E 114 9.39 -12.60 2.59
C ALA E 114 10.41 -13.68 2.31
N LYS E 115 11.68 -13.32 2.11
CA LYS E 115 12.78 -14.26 1.89
C LYS E 115 12.57 -15.07 0.62
N ARG E 116 12.17 -14.38 -0.45
CA ARG E 116 11.97 -14.99 -1.76
C ARG E 116 12.68 -14.16 -2.82
N VAL E 117 12.88 -14.78 -3.97
CA VAL E 117 13.28 -14.08 -5.18
C VAL E 117 12.20 -14.10 -6.24
N THR E 118 11.11 -14.82 -6.01
CA THR E 118 9.99 -14.90 -6.93
C THR E 118 8.92 -13.92 -6.49
N ILE E 119 8.51 -13.04 -7.40
CA ILE E 119 7.41 -12.13 -7.12
C ILE E 119 6.10 -12.85 -7.38
N MET E 120 5.19 -12.77 -6.42
CA MET E 120 3.93 -13.48 -6.43
C MET E 120 2.79 -12.47 -6.39
N PRO E 121 1.57 -12.87 -6.74
CA PRO E 121 0.45 -11.92 -6.70
C PRO E 121 0.22 -11.32 -5.32
N LYS E 122 0.60 -12.03 -4.24
CA LYS E 122 0.45 -11.49 -2.91
C LYS E 122 1.40 -10.31 -2.69
N ASP E 123 2.50 -10.26 -3.43
CA ASP E 123 3.44 -9.16 -3.30
C ASP E 123 2.94 -7.89 -3.98
N ILE E 124 2.26 -8.05 -5.13
CA ILE E 124 1.64 -6.91 -5.78
C ILE E 124 0.54 -6.33 -4.91
N GLN E 125 -0.26 -7.21 -4.29
CA GLN E 125 -1.36 -6.75 -3.46
C GLN E 125 -0.85 -6.01 -2.23
N LEU E 126 0.24 -6.48 -1.62
CA LEU E 126 0.79 -5.78 -0.47
C LEU E 126 1.40 -4.44 -0.86
N ALA E 127 2.12 -4.40 -1.97
CA ALA E 127 2.72 -3.14 -2.40
C ALA E 127 1.67 -2.10 -2.72
N ARG E 128 0.57 -2.52 -3.36
CA ARG E 128 -0.49 -1.58 -3.70
C ARG E 128 -1.31 -1.19 -2.48
N ARG E 129 -1.41 -2.07 -1.49
CA ARG E 129 -2.14 -1.73 -0.27
C ARG E 129 -1.37 -0.71 0.56
N ILE E 130 -0.06 -0.88 0.68
CA ILE E 130 0.75 0.07 1.45
C ILE E 130 0.80 1.42 0.73
N ARG E 131 0.86 1.40 -0.59
CA ARG E 131 0.84 2.66 -1.35
C ARG E 131 -0.43 3.44 -1.12
N GLY E 132 -1.52 2.76 -0.79
CA GLY E 132 -2.80 3.38 -0.62
C GLY E 132 -3.80 3.16 -1.74
N GLU E 133 -3.54 2.19 -2.62
CA GLU E 133 -4.45 1.89 -3.72
C GLU E 133 -5.46 0.80 -3.38
N ARG E 134 -5.21 0.02 -2.34
CA ARG E 134 -6.20 -0.92 -1.82
C ARG E 134 -6.62 -0.51 -0.43
N ARG F 19 -17.42 3.75 -35.58
CA ARG F 19 -18.40 2.67 -35.56
C ARG F 19 -17.75 1.35 -35.16
N LYS F 20 -16.43 1.28 -35.28
CA LYS F 20 -15.71 0.08 -34.93
C LYS F 20 -15.80 -0.19 -33.43
N VAL F 21 -15.82 -1.47 -33.08
CA VAL F 21 -15.90 -1.91 -31.69
C VAL F 21 -14.70 -2.79 -31.38
N LEU F 22 -14.23 -2.71 -30.13
CA LEU F 22 -13.11 -3.50 -29.67
C LEU F 22 -13.53 -4.30 -28.45
N ARG F 23 -12.81 -5.45 -28.22
CA ARG F 23 -12.93 -6.32 -27.05
C ARG F 23 -11.75 -7.28 -27.04
N ASP F 24 -11.44 -7.79 -25.84
CA ASP F 24 -10.32 -8.70 -25.63
C ASP F 24 -9.01 -8.06 -26.11
N ASN F 25 -8.63 -6.96 -25.46
CA ASN F 25 -7.39 -6.28 -25.78
C ASN F 25 -6.42 -6.23 -24.61
N ILE F 26 -6.85 -6.54 -23.40
CA ILE F 26 -5.93 -6.67 -22.29
C ILE F 26 -5.02 -7.87 -22.49
N GLN F 27 -5.47 -8.86 -23.25
CA GLN F 27 -4.62 -9.99 -23.57
C GLN F 27 -3.55 -9.63 -24.60
N GLY F 28 -3.67 -8.49 -25.25
CA GLY F 28 -2.60 -7.97 -26.09
C GLY F 28 -1.43 -7.42 -25.32
N ILE F 29 -1.59 -7.22 -24.01
CA ILE F 29 -0.47 -6.95 -23.12
C ILE F 29 0.12 -8.31 -22.77
N THR F 30 1.05 -8.77 -23.60
CA THR F 30 1.47 -10.17 -23.56
C THR F 30 2.34 -10.46 -22.35
N LYS F 31 2.48 -11.75 -22.05
CA LYS F 31 3.39 -12.17 -21.00
C LYS F 31 4.83 -11.74 -21.24
N PRO F 32 5.41 -11.87 -22.46
CA PRO F 32 6.76 -11.33 -22.65
C PRO F 32 6.86 -9.84 -22.38
N ALA F 33 5.83 -9.06 -22.71
CA ALA F 33 5.87 -7.63 -22.44
C ALA F 33 5.85 -7.34 -20.95
N ILE F 34 5.06 -8.11 -20.19
CA ILE F 34 5.03 -7.98 -18.75
C ILE F 34 6.36 -8.38 -18.15
N ARG F 35 6.99 -9.42 -18.70
CA ARG F 35 8.30 -9.85 -18.22
C ARG F 35 9.36 -8.78 -18.43
N ARG F 36 9.30 -8.07 -19.55
CA ARG F 36 10.24 -6.97 -19.79
C ARG F 36 10.06 -5.88 -18.75
N LEU F 37 8.81 -5.55 -18.40
CA LEU F 37 8.55 -4.53 -17.40
C LEU F 37 9.09 -4.95 -16.04
N ALA F 38 8.97 -6.23 -15.71
CA ALA F 38 9.54 -6.73 -14.45
C ALA F 38 11.06 -6.70 -14.49
N ARG F 39 11.67 -6.94 -15.65
CA ARG F 39 13.12 -6.84 -15.77
C ARG F 39 13.60 -5.43 -15.54
N ARG F 40 12.91 -4.44 -16.11
CA ARG F 40 13.27 -3.05 -15.85
C ARG F 40 12.98 -2.67 -14.40
N GLY F 41 12.05 -3.36 -13.76
CA GLY F 41 11.84 -3.23 -12.33
C GLY F 41 12.78 -4.03 -11.47
N GLY F 42 13.73 -4.74 -12.08
CA GLY F 42 14.71 -5.48 -11.34
C GLY F 42 14.28 -6.84 -10.84
N VAL F 43 13.28 -7.45 -11.46
CA VAL F 43 12.75 -8.74 -11.02
C VAL F 43 13.50 -9.86 -11.72
N LYS F 44 13.95 -10.84 -10.95
CA LYS F 44 14.72 -11.96 -11.48
C LYS F 44 13.87 -13.19 -11.77
N ARG F 45 12.79 -13.41 -11.02
CA ARG F 45 11.99 -14.62 -11.16
C ARG F 45 10.54 -14.26 -10.90
N ILE F 46 9.66 -14.70 -11.78
CA ILE F 46 8.28 -14.24 -11.83
C ILE F 46 7.34 -15.43 -11.70
N SER F 47 6.37 -15.32 -10.80
CA SER F 47 5.37 -16.36 -10.65
C SER F 47 4.45 -16.43 -11.87
N GLY F 48 3.81 -17.59 -12.04
CA GLY F 48 2.96 -17.80 -13.20
C GLY F 48 1.66 -17.03 -13.17
N LEU F 49 1.21 -16.62 -11.99
CA LEU F 49 -0.03 -15.88 -11.83
C LEU F 49 0.17 -14.38 -11.80
N ILE F 50 1.40 -13.91 -12.01
CA ILE F 50 1.66 -12.48 -12.00
C ILE F 50 1.04 -11.80 -13.20
N TYR F 51 1.04 -12.47 -14.36
CA TYR F 51 0.61 -11.83 -15.59
C TYR F 51 -0.87 -11.45 -15.55
N GLU F 52 -1.71 -12.33 -15.02
CA GLU F 52 -3.12 -12.00 -14.87
C GLU F 52 -3.31 -10.87 -13.84
N GLU F 53 -2.54 -10.91 -12.75
CA GLU F 53 -2.61 -9.85 -11.75
C GLU F 53 -2.15 -8.51 -12.33
N THR F 54 -1.09 -8.54 -13.14
CA THR F 54 -0.59 -7.31 -13.74
C THR F 54 -1.59 -6.72 -14.72
N ARG F 55 -2.28 -7.55 -15.49
CA ARG F 55 -3.25 -7.05 -16.46
C ARG F 55 -4.41 -6.35 -15.77
N GLY F 56 -4.86 -6.88 -14.64
CA GLY F 56 -5.89 -6.20 -13.86
C GLY F 56 -5.39 -4.90 -13.26
N VAL F 57 -4.12 -4.87 -12.85
CA VAL F 57 -3.54 -3.65 -12.29
C VAL F 57 -3.47 -2.56 -13.34
N LEU F 58 -3.03 -2.91 -14.55
CA LEU F 58 -2.94 -1.92 -15.62
C LEU F 58 -4.31 -1.42 -16.04
N LYS F 59 -5.30 -2.33 -16.07
CA LYS F 59 -6.64 -1.92 -16.46
C LYS F 59 -7.23 -0.93 -15.48
N VAL F 60 -7.02 -1.15 -14.18
CA VAL F 60 -7.52 -0.22 -13.18
C VAL F 60 -6.83 1.13 -13.31
N PHE F 61 -5.51 1.12 -13.52
CA PHE F 61 -4.77 2.37 -13.70
C PHE F 61 -5.24 3.10 -14.94
N LEU F 62 -5.38 2.38 -16.06
CA LEU F 62 -5.74 3.03 -17.31
C LEU F 62 -7.17 3.55 -17.28
N GLU F 63 -8.07 2.83 -16.59
CA GLU F 63 -9.44 3.30 -16.49
C GLU F 63 -9.52 4.62 -15.74
N ASN F 64 -8.74 4.77 -14.68
CA ASN F 64 -8.78 6.00 -13.88
C ASN F 64 -8.23 7.18 -14.67
N VAL F 65 -7.13 6.97 -15.40
CA VAL F 65 -6.51 8.07 -16.14
C VAL F 65 -7.38 8.46 -17.34
N ILE F 66 -7.89 7.47 -18.06
CA ILE F 66 -8.69 7.75 -19.25
C ILE F 66 -10.01 8.40 -18.86
N ARG F 67 -10.61 7.98 -17.75
CA ARG F 67 -11.87 8.59 -17.32
C ARG F 67 -11.68 10.07 -17.03
N ASP F 68 -10.57 10.44 -16.40
CA ASP F 68 -10.28 11.85 -16.16
C ASP F 68 -9.91 12.56 -17.45
N ALA F 69 -9.21 11.86 -18.35
CA ALA F 69 -8.81 12.45 -19.62
C ALA F 69 -10.01 12.76 -20.50
N VAL F 70 -10.99 11.85 -20.54
CA VAL F 70 -12.20 12.09 -21.29
C VAL F 70 -13.03 13.17 -20.63
N THR F 71 -13.00 13.27 -19.30
CA THR F 71 -13.72 14.33 -18.61
C THR F 71 -13.18 15.70 -19.01
N TYR F 72 -11.86 15.83 -19.10
CA TYR F 72 -11.27 17.06 -19.59
C TYR F 72 -11.64 17.31 -21.05
N THR F 73 -11.75 16.23 -21.83
CA THR F 73 -12.04 16.37 -23.26
C THR F 73 -13.48 16.82 -23.48
N GLU F 74 -14.43 16.21 -22.78
CA GLU F 74 -15.83 16.57 -22.98
C GLU F 74 -16.16 17.93 -22.36
N HIS F 75 -15.41 18.37 -21.35
CA HIS F 75 -15.59 19.73 -20.85
C HIS F 75 -15.13 20.75 -21.88
N ALA F 76 -14.07 20.44 -22.61
CA ALA F 76 -13.60 21.34 -23.66
C ALA F 76 -14.50 21.32 -24.89
N LYS F 77 -15.61 20.59 -24.84
CA LYS F 77 -16.54 20.45 -25.97
C LYS F 77 -15.84 19.83 -27.18
N ARG F 78 -14.87 18.96 -26.94
CA ARG F 78 -14.10 18.32 -28.00
C ARG F 78 -14.50 16.85 -28.12
N LYS F 79 -14.04 16.24 -29.21
CA LYS F 79 -14.26 14.82 -29.44
C LYS F 79 -12.98 14.02 -29.59
N THR F 80 -11.83 14.68 -29.71
CA THR F 80 -10.54 14.01 -29.76
C THR F 80 -9.82 14.22 -28.43
N VAL F 81 -9.23 13.15 -27.91
CA VAL F 81 -8.44 13.25 -26.68
C VAL F 81 -7.03 13.67 -27.06
N THR F 82 -6.60 14.81 -26.53
CA THR F 82 -5.29 15.37 -26.83
C THR F 82 -4.29 14.94 -25.78
N ALA F 83 -3.01 15.25 -26.04
CA ALA F 83 -1.96 14.92 -25.08
C ALA F 83 -2.13 15.70 -23.79
N MET F 84 -2.60 16.94 -23.88
CA MET F 84 -2.81 17.75 -22.68
C MET F 84 -3.87 17.16 -21.77
N ASP F 85 -4.93 16.60 -22.34
CA ASP F 85 -5.97 15.97 -21.51
C ASP F 85 -5.39 14.82 -20.69
N VAL F 86 -4.50 14.03 -21.29
CA VAL F 86 -3.83 12.98 -20.55
C VAL F 86 -2.88 13.57 -19.51
N VAL F 87 -2.13 14.61 -19.91
CA VAL F 87 -1.19 15.24 -18.98
C VAL F 87 -1.92 15.87 -17.81
N TYR F 88 -3.03 16.56 -18.08
CA TYR F 88 -3.82 17.13 -17.00
C TYR F 88 -4.39 16.05 -16.09
N ALA F 89 -4.89 14.96 -16.69
CA ALA F 89 -5.45 13.87 -15.90
C ALA F 89 -4.40 13.22 -15.02
N LEU F 90 -3.20 13.00 -15.57
CA LEU F 90 -2.13 12.39 -14.79
C LEU F 90 -1.68 13.30 -13.65
N LYS F 91 -1.62 14.60 -13.91
CA LYS F 91 -1.26 15.55 -12.87
C LYS F 91 -2.26 15.53 -11.72
N ARG F 92 -3.55 15.37 -12.06
CA ARG F 92 -4.59 15.35 -11.05
C ARG F 92 -4.47 14.14 -10.12
N GLN F 93 -3.84 13.07 -10.58
CA GLN F 93 -3.60 11.88 -9.77
C GLN F 93 -2.27 11.91 -9.04
N GLY F 94 -1.55 13.03 -9.09
CA GLY F 94 -0.21 13.07 -8.56
C GLY F 94 0.80 12.27 -9.33
N ARG F 95 0.73 12.29 -10.66
CA ARG F 95 1.62 11.53 -11.53
C ARG F 95 2.13 12.40 -12.67
N THR F 96 2.65 13.58 -12.33
CA THR F 96 3.13 14.54 -13.32
C THR F 96 4.04 13.88 -14.34
N LEU F 97 3.82 14.21 -15.61
CA LEU F 97 4.55 13.61 -16.73
C LEU F 97 5.20 14.73 -17.53
N TYR F 98 6.52 14.66 -17.68
CA TYR F 98 7.29 15.65 -18.42
C TYR F 98 7.57 15.13 -19.82
N GLY F 99 7.48 16.03 -20.81
CA GLY F 99 7.84 15.70 -22.17
C GLY F 99 6.70 15.68 -23.17
N PHE F 100 5.46 16.00 -22.79
CA PHE F 100 4.34 16.00 -23.71
C PHE F 100 3.57 17.31 -23.72
N GLY F 101 4.07 18.34 -23.05
CA GLY F 101 3.40 19.62 -23.02
C GLY F 101 3.04 20.09 -21.62
N ARG G 11 -38.76 49.07 -4.42
CA ARG G 11 -37.88 47.90 -4.39
C ARG G 11 -38.63 46.69 -3.87
N ALA G 12 -38.46 45.56 -4.55
CA ALA G 12 -39.20 44.35 -4.21
C ALA G 12 -38.68 43.74 -2.91
N LYS G 13 -39.46 42.83 -2.37
CA LYS G 13 -39.07 42.11 -1.16
C LYS G 13 -37.84 41.25 -1.43
N ALA G 14 -36.93 41.23 -0.47
CA ALA G 14 -35.70 40.46 -0.63
C ALA G 14 -35.95 38.97 -0.47
N LYS G 15 -35.30 38.18 -1.32
CA LYS G 15 -35.30 36.73 -1.21
C LYS G 15 -33.88 36.23 -1.37
N THR G 16 -33.43 35.40 -0.44
CA THR G 16 -32.09 34.85 -0.53
C THR G 16 -31.97 33.91 -1.73
N ARG G 17 -30.79 33.88 -2.34
CA ARG G 17 -30.56 32.97 -3.45
C ARG G 17 -30.59 31.52 -3.00
N SER G 18 -30.34 31.26 -1.71
CA SER G 18 -30.50 29.92 -1.19
C SER G 18 -31.95 29.49 -1.23
N SER G 19 -32.87 30.39 -0.89
CA SER G 19 -34.29 30.05 -0.91
C SER G 19 -34.80 29.85 -2.32
N ARG G 20 -34.28 30.61 -3.28
CA ARG G 20 -34.66 30.41 -4.68
C ARG G 20 -34.30 29.00 -5.16
N ALA G 21 -33.08 28.55 -4.83
CA ALA G 21 -32.63 27.22 -5.18
C ALA G 21 -33.12 26.16 -4.21
N GLY G 22 -33.74 26.55 -3.10
CA GLY G 22 -34.16 25.60 -2.09
C GLY G 22 -33.02 24.96 -1.33
N LEU G 23 -31.99 25.73 -0.98
CA LEU G 23 -30.80 25.21 -0.34
C LEU G 23 -30.67 25.77 1.08
N GLN G 24 -30.22 24.92 2.00
CA GLN G 24 -29.89 25.40 3.33
C GLN G 24 -28.57 26.14 3.36
N PHE G 25 -27.65 25.80 2.48
CA PHE G 25 -26.33 26.43 2.45
C PHE G 25 -26.39 27.80 1.78
N PRO G 26 -25.49 28.72 2.13
CA PRO G 26 -25.57 30.10 1.65
C PRO G 26 -25.02 30.25 0.25
N VAL G 27 -25.92 30.51 -0.71
CA VAL G 27 -25.48 30.75 -2.07
C VAL G 27 -24.76 32.10 -2.17
N GLY G 28 -25.26 33.10 -1.44
CA GLY G 28 -24.64 34.41 -1.49
C GLY G 28 -23.25 34.43 -0.89
N ARG G 29 -23.03 33.64 0.17
CA ARG G 29 -21.71 33.58 0.78
C ARG G 29 -20.74 32.77 -0.06
N VAL G 30 -21.22 31.66 -0.65
CA VAL G 30 -20.37 30.87 -1.54
C VAL G 30 -19.95 31.70 -2.74
N HIS G 31 -20.85 32.54 -3.24
CA HIS G 31 -20.50 33.45 -4.33
C HIS G 31 -19.40 34.39 -3.92
N ARG G 32 -19.47 34.94 -2.69
CA ARG G 32 -18.46 35.87 -2.23
C ARG G 32 -17.11 35.19 -2.05
N LEU G 33 -17.12 33.96 -1.52
CA LEU G 33 -15.87 33.23 -1.35
C LEU G 33 -15.25 32.85 -2.68
N LEU G 34 -16.07 32.65 -3.71
CA LEU G 34 -15.53 32.40 -5.05
C LEU G 34 -14.95 33.66 -5.65
N ARG G 35 -15.58 34.80 -5.42
CA ARG G 35 -15.12 36.04 -6.03
C ARG G 35 -13.82 36.53 -5.42
N LYS G 36 -13.65 36.36 -4.10
CA LYS G 36 -12.46 36.84 -3.41
C LYS G 36 -11.44 35.73 -3.17
N GLY G 37 -11.68 34.52 -3.66
CA GLY G 37 -10.73 33.45 -3.55
C GLY G 37 -9.69 33.40 -4.64
N ASN G 38 -9.73 34.34 -5.59
CA ASN G 38 -8.78 34.40 -6.70
C ASN G 38 -8.77 33.11 -7.51
N TYR G 39 -9.97 32.69 -7.92
CA TYR G 39 -10.14 31.49 -8.73
C TYR G 39 -10.26 31.81 -10.21
N ALA G 40 -11.10 32.78 -10.56
CA ALA G 40 -11.22 33.22 -11.94
C ALA G 40 -11.56 34.71 -11.94
N GLU G 41 -11.35 35.34 -13.09
CA GLU G 41 -11.66 36.76 -13.22
C GLU G 41 -13.14 37.04 -13.04
N ARG G 42 -14.00 36.13 -13.49
CA ARG G 42 -15.45 36.29 -13.37
C ARG G 42 -16.05 35.01 -12.82
N VAL G 43 -17.22 35.15 -12.19
CA VAL G 43 -17.94 34.03 -11.62
C VAL G 43 -19.38 34.11 -12.08
N GLY G 44 -19.89 33.00 -12.62
CA GLY G 44 -21.25 32.96 -13.11
C GLY G 44 -22.27 32.93 -12.00
N ALA G 45 -23.54 33.12 -12.38
CA ALA G 45 -24.63 33.10 -11.42
C ALA G 45 -24.96 31.71 -10.94
N GLY G 46 -24.72 30.69 -11.78
CA GLY G 46 -25.04 29.33 -11.43
C GLY G 46 -23.93 28.61 -10.68
N ALA G 47 -22.72 29.15 -10.75
CA ALA G 47 -21.59 28.53 -10.06
C ALA G 47 -21.77 28.49 -8.55
N PRO G 48 -22.12 29.58 -7.86
CA PRO G 48 -22.38 29.46 -6.42
C PRO G 48 -23.57 28.59 -6.09
N VAL G 49 -24.59 28.55 -6.96
CA VAL G 49 -25.75 27.72 -6.70
C VAL G 49 -25.40 26.24 -6.85
N TYR G 50 -24.62 25.91 -7.88
CA TYR G 50 -24.18 24.53 -8.06
C TYR G 50 -23.26 24.10 -6.92
N LEU G 51 -22.30 24.96 -6.56
CA LEU G 51 -21.34 24.60 -5.52
C LEU G 51 -22.01 24.46 -4.16
N ALA G 52 -22.95 25.35 -3.84
CA ALA G 52 -23.65 25.26 -2.55
C ALA G 52 -24.50 24.01 -2.47
N ALA G 53 -25.10 23.60 -3.58
CA ALA G 53 -25.92 22.39 -3.58
C ALA G 53 -25.07 21.14 -3.42
N VAL G 54 -23.87 21.14 -4.02
CA VAL G 54 -22.96 20.01 -3.87
C VAL G 54 -22.42 19.95 -2.45
N LEU G 55 -22.05 21.10 -1.89
CA LEU G 55 -21.54 21.14 -0.53
C LEU G 55 -22.61 20.70 0.47
N GLU G 56 -23.86 21.08 0.24
CA GLU G 56 -24.93 20.67 1.13
C GLU G 56 -25.21 19.18 1.01
N TYR G 57 -25.13 18.63 -0.20
CA TYR G 57 -25.35 17.19 -0.35
C TYR G 57 -24.30 16.37 0.36
N LEU G 58 -23.04 16.78 0.25
CA LEU G 58 -21.97 16.05 0.92
C LEU G 58 -22.09 16.13 2.44
N THR G 59 -22.53 17.29 2.94
CA THR G 59 -22.75 17.44 4.37
C THR G 59 -23.85 16.51 4.85
N ALA G 60 -24.94 16.40 4.07
CA ALA G 60 -26.03 15.51 4.45
C ALA G 60 -25.61 14.05 4.40
N GLU G 61 -24.76 13.69 3.42
CA GLU G 61 -24.28 12.32 3.33
C GLU G 61 -23.47 11.92 4.56
N ILE G 62 -22.57 12.80 4.99
CA ILE G 62 -21.77 12.49 6.18
C ILE G 62 -22.64 12.50 7.43
N LEU G 63 -23.51 13.49 7.56
CA LEU G 63 -24.33 13.61 8.76
C LEU G 63 -25.37 12.52 8.85
N GLU G 64 -25.83 11.99 7.71
CA GLU G 64 -26.73 10.85 7.73
C GLU G 64 -26.04 9.62 8.29
N LEU G 65 -24.82 9.35 7.83
CA LEU G 65 -24.08 8.19 8.31
C LEU G 65 -23.60 8.40 9.74
N ALA G 66 -23.13 9.61 10.06
CA ALA G 66 -22.68 9.90 11.42
C ALA G 66 -23.83 9.89 12.40
N GLY G 67 -25.02 10.35 11.99
CA GLY G 67 -26.18 10.25 12.84
C GLY G 67 -26.59 8.81 13.09
N ASN G 68 -26.44 7.95 12.08
CA ASN G 68 -26.66 6.52 12.28
C ASN G 68 -25.68 5.95 13.28
N ALA G 69 -24.41 6.36 13.19
CA ALA G 69 -23.40 5.89 14.12
C ALA G 69 -23.74 6.27 15.56
N ALA G 70 -24.21 7.51 15.77
CA ALA G 70 -24.55 7.96 17.11
C ALA G 70 -25.66 7.10 17.71
N ARG G 71 -26.59 6.62 16.87
CA ARG G 71 -27.68 5.79 17.36
C ARG G 71 -27.21 4.40 17.75
N ASP G 72 -26.17 3.88 17.09
CA ASP G 72 -25.63 2.58 17.48
C ASP G 72 -24.95 2.63 18.84
N ASN G 73 -24.24 3.71 19.14
CA ASN G 73 -23.65 3.90 20.45
C ASN G 73 -24.63 4.49 21.45
N LYS G 74 -25.92 4.50 21.12
CA LYS G 74 -26.98 5.01 22.00
C LYS G 74 -26.70 6.45 22.44
N LYS G 75 -26.13 7.26 21.56
CA LYS G 75 -25.87 8.66 21.82
C LYS G 75 -26.78 9.52 20.94
N THR G 76 -27.25 10.62 21.52
CA THR G 76 -28.07 11.59 20.79
C THR G 76 -27.28 12.82 20.40
N ARG G 77 -25.99 12.67 20.14
CA ARG G 77 -25.13 13.80 19.80
C ARG G 77 -23.91 13.27 19.07
N ILE G 78 -23.65 13.81 17.88
CA ILE G 78 -22.52 13.35 17.07
C ILE G 78 -21.22 13.88 17.63
N ILE G 79 -20.25 12.99 17.82
CA ILE G 79 -18.92 13.37 18.27
C ILE G 79 -17.93 13.04 17.15
N PRO G 80 -16.67 13.47 17.23
CA PRO G 80 -15.73 13.13 16.15
C PRO G 80 -15.57 11.64 15.92
N ARG G 81 -15.79 10.81 16.94
CA ARG G 81 -15.71 9.36 16.75
C ARG G 81 -16.72 8.89 15.72
N HIS G 82 -17.93 9.44 15.76
CA HIS G 82 -18.98 9.01 14.84
C HIS G 82 -18.72 9.50 13.42
N LEU G 83 -18.09 10.67 13.28
CA LEU G 83 -17.69 11.14 11.96
C LEU G 83 -16.63 10.23 11.35
N GLN G 84 -15.68 9.78 12.16
CA GLN G 84 -14.67 8.85 11.67
C GLN G 84 -15.28 7.50 11.31
N LEU G 85 -16.19 7.00 12.15
CA LEU G 85 -16.84 5.73 11.84
C LEU G 85 -17.67 5.84 10.57
N ALA G 86 -18.37 6.95 10.39
CA ALA G 86 -19.17 7.15 9.19
C ALA G 86 -18.31 7.23 7.94
N VAL G 87 -17.22 7.98 8.01
CA VAL G 87 -16.39 8.19 6.83
C VAL G 87 -15.64 6.92 6.45
N ARG G 88 -15.05 6.23 7.43
CA ARG G 88 -14.22 5.08 7.14
C ARG G 88 -15.02 3.84 6.77
N ASN G 89 -16.29 3.78 7.15
CA ASN G 89 -17.14 2.65 6.80
C ASN G 89 -17.85 2.83 5.47
N ASP G 90 -17.76 4.01 4.87
CA ASP G 90 -18.31 4.26 3.54
C ASP G 90 -17.19 4.18 2.53
N GLU G 91 -17.35 3.31 1.53
CA GLU G 91 -16.29 3.10 0.55
C GLU G 91 -15.96 4.39 -0.22
N GLU G 92 -16.95 5.26 -0.39
CA GLU G 92 -16.76 6.41 -1.25
C GLU G 92 -16.40 7.67 -0.46
N LEU G 93 -16.91 7.79 0.76
CA LEU G 93 -16.46 8.88 1.63
C LEU G 93 -15.05 8.64 2.12
N ASN G 94 -14.63 7.37 2.22
CA ASN G 94 -13.28 7.04 2.62
C ASN G 94 -12.27 7.33 1.51
N LYS G 95 -12.69 7.27 0.26
CA LYS G 95 -11.82 7.65 -0.85
C LYS G 95 -11.71 9.16 -0.96
N LEU G 96 -12.81 9.88 -0.71
CA LEU G 96 -12.78 11.34 -0.73
C LEU G 96 -11.92 11.89 0.40
N LEU G 97 -12.00 11.27 1.57
CA LEU G 97 -11.27 11.70 2.76
C LEU G 97 -10.16 10.72 3.11
N GLY G 98 -9.46 10.21 2.10
CA GLY G 98 -8.44 9.22 2.34
C GLY G 98 -7.15 9.78 2.91
N ARG G 99 -6.81 11.02 2.59
CA ARG G 99 -5.62 11.68 3.10
C ARG G 99 -5.95 12.68 4.20
N VAL G 100 -7.10 12.53 4.84
CA VAL G 100 -7.60 13.47 5.84
C VAL G 100 -7.58 12.78 7.20
N THR G 101 -7.09 13.49 8.21
CA THR G 101 -7.06 13.00 9.58
C THR G 101 -8.15 13.71 10.38
N ILE G 102 -9.04 12.92 10.98
CA ILE G 102 -10.12 13.45 11.80
C ILE G 102 -9.67 13.38 13.26
N ALA G 103 -9.54 14.55 13.89
CA ALA G 103 -9.03 14.60 15.25
C ALA G 103 -10.02 13.98 16.22
N GLN G 104 -9.49 13.22 17.19
CA GLN G 104 -10.30 12.49 18.17
C GLN G 104 -11.27 11.53 17.50
N GLY G 105 -10.85 10.94 16.38
CA GLY G 105 -11.70 10.03 15.64
C GLY G 105 -11.37 8.57 15.86
N GLY G 106 -10.10 8.29 16.14
CA GLY G 106 -9.69 6.91 16.37
C GLY G 106 -9.52 6.13 15.07
N VAL G 107 -9.70 4.81 15.17
CA VAL G 107 -9.54 3.91 14.04
C VAL G 107 -10.72 2.95 14.02
N LEU G 108 -10.89 2.29 12.89
CA LEU G 108 -11.89 1.24 12.78
C LEU G 108 -11.42 0.00 13.54
N PRO G 109 -12.29 -0.60 14.36
CA PRO G 109 -11.90 -1.85 15.03
C PRO G 109 -11.67 -2.98 14.04
N ASN G 110 -10.43 -3.43 13.92
CA ASN G 110 -10.07 -4.42 12.91
C ASN G 110 -8.80 -5.14 13.34
N ILE G 111 -8.93 -6.42 13.67
CA ILE G 111 -7.80 -7.28 14.01
C ILE G 111 -7.60 -8.27 12.88
N GLN G 112 -6.36 -8.41 12.41
CA GLN G 112 -6.06 -9.36 11.35
C GLN G 112 -6.35 -10.78 11.82
N SER G 113 -6.92 -11.58 10.92
CA SER G 113 -7.39 -12.90 11.29
C SER G 113 -6.26 -13.86 11.66
N VAL G 114 -5.03 -13.59 11.23
CA VAL G 114 -3.92 -14.46 11.58
C VAL G 114 -3.49 -14.27 13.02
N LEU G 115 -3.86 -13.15 13.65
CA LEU G 115 -3.48 -12.87 15.03
C LEU G 115 -4.46 -13.45 16.03
N LEU G 116 -5.61 -13.92 15.60
CA LEU G 116 -6.61 -14.46 16.50
C LEU G 116 -6.21 -15.86 16.98
N PRO G 117 -6.56 -16.22 18.08
CA PRO G 117 -6.06 -17.48 18.66
C PRO G 117 -6.52 -18.68 17.85
N LYS G 118 -5.67 -19.70 17.84
CA LYS G 118 -5.97 -20.94 17.12
C LYS G 118 -7.11 -21.64 17.84
N LYS G 119 -8.20 -21.92 17.12
CA LYS G 119 -9.33 -22.62 17.70
C LYS G 119 -8.94 -24.05 18.06
N THR G 120 -9.61 -24.59 19.07
CA THR G 120 -9.28 -25.92 19.58
C THR G 120 -9.38 -26.98 18.49
N GLU G 121 -8.28 -27.70 18.30
CA GLU G 121 -8.17 -28.75 17.28
C GLU G 121 -6.83 -29.45 17.48
N SER G 122 -6.81 -30.75 17.20
CA SER G 122 -5.57 -31.50 17.32
C SER G 122 -5.61 -32.77 16.48
N SER G 123 -4.57 -32.97 15.67
CA SER G 123 -4.38 -34.18 14.86
C SER G 123 -3.20 -34.96 15.43
N LYS G 124 -2.80 -36.04 14.75
CA LYS G 124 -1.76 -36.92 15.23
C LYS G 124 -0.75 -37.18 14.12
N SER G 125 0.51 -36.83 14.37
CA SER G 125 1.59 -37.19 13.46
C SER G 125 2.06 -38.61 13.74
N ALA G 126 3.06 -39.05 12.97
CA ALA G 126 3.62 -40.38 13.18
C ALA G 126 4.27 -40.47 14.56
N LYS G 127 3.90 -41.49 15.31
CA LYS G 127 4.37 -41.69 16.68
C LYS G 127 5.12 -43.00 16.78
N SER G 128 6.30 -42.97 17.40
CA SER G 128 7.15 -44.13 17.58
C SER G 128 7.51 -44.31 19.05
N LYS G 129 6.56 -44.02 19.93
CA LYS G 129 6.77 -44.15 21.36
C LYS G 129 5.68 -44.97 22.03
N LYS H 28 -15.41 41.45 20.07
CA LYS H 28 -14.60 40.59 19.22
C LYS H 28 -15.02 40.70 17.76
N THR H 29 -14.05 40.64 16.86
CA THR H 29 -14.35 40.66 15.44
C THR H 29 -15.09 39.38 15.04
N ARG H 30 -15.92 39.49 14.01
CA ARG H 30 -16.79 38.40 13.61
C ARG H 30 -16.03 37.36 12.80
N LYS H 31 -16.25 36.09 13.13
CA LYS H 31 -15.63 34.97 12.44
C LYS H 31 -16.74 34.09 11.89
N GLU H 32 -16.85 34.04 10.57
CA GLU H 32 -17.93 33.31 9.91
C GLU H 32 -17.57 31.85 9.73
N SER H 33 -18.59 31.00 9.77
CA SER H 33 -18.41 29.56 9.62
C SER H 33 -19.71 28.96 9.12
N TYR H 34 -19.64 27.70 8.68
CA TYR H 34 -20.81 26.98 8.19
C TYR H 34 -21.57 26.27 9.30
N ALA H 35 -21.38 26.70 10.55
CA ALA H 35 -21.95 25.96 11.68
C ALA H 35 -23.47 25.93 11.62
N ILE H 36 -24.11 27.06 11.32
CA ILE H 36 -25.58 27.08 11.33
C ILE H 36 -26.13 26.33 10.12
N TYR H 37 -25.40 26.31 9.01
CA TYR H 37 -25.87 25.58 7.84
C TYR H 37 -25.71 24.08 8.01
N VAL H 38 -24.62 23.65 8.65
CA VAL H 38 -24.45 22.23 8.95
C VAL H 38 -25.52 21.79 9.95
N TYR H 39 -25.89 22.67 10.88
CA TYR H 39 -26.93 22.33 11.84
C TYR H 39 -28.31 22.31 11.18
N LYS H 40 -28.54 23.17 10.20
CA LYS H 40 -29.80 23.11 9.45
C LYS H 40 -29.94 21.79 8.70
N VAL H 41 -28.85 21.36 8.05
CA VAL H 41 -28.88 20.10 7.33
C VAL H 41 -29.04 18.92 8.28
N LEU H 42 -28.38 18.99 9.44
CA LEU H 42 -28.48 17.91 10.42
C LEU H 42 -29.91 17.78 10.94
N LYS H 43 -30.59 18.90 11.20
CA LYS H 43 -31.97 18.84 11.65
C LYS H 43 -32.92 18.32 10.58
N GLN H 44 -32.47 18.28 9.32
CA GLN H 44 -33.28 17.69 8.26
C GLN H 44 -33.15 16.18 8.25
N VAL H 45 -31.93 15.67 8.15
CA VAL H 45 -31.72 14.23 8.05
C VAL H 45 -32.02 13.55 9.38
N HIS H 46 -31.63 14.14 10.50
CA HIS H 46 -31.78 13.56 11.83
C HIS H 46 -32.35 14.60 12.77
N PRO H 47 -33.69 14.69 12.86
CA PRO H 47 -34.28 15.74 13.71
C PRO H 47 -33.92 15.62 15.18
N ASP H 48 -33.97 14.43 15.74
CA ASP H 48 -33.68 14.24 17.17
C ASP H 48 -32.21 13.87 17.41
N THR H 49 -31.30 14.69 16.87
CA THR H 49 -29.87 14.44 17.00
C THR H 49 -29.16 15.77 17.07
N GLY H 50 -28.27 15.92 18.05
CA GLY H 50 -27.40 17.07 18.14
C GLY H 50 -26.01 16.76 17.61
N ILE H 51 -25.14 17.75 17.72
CA ILE H 51 -23.75 17.62 17.30
C ILE H 51 -22.88 18.39 18.28
N SER H 52 -21.74 17.79 18.65
CA SER H 52 -20.82 18.44 19.57
C SER H 52 -20.08 19.57 18.87
N SER H 53 -19.45 20.43 19.67
CA SER H 53 -18.73 21.57 19.10
C SER H 53 -17.44 21.12 18.45
N LYS H 54 -16.85 20.03 18.94
CA LYS H 54 -15.65 19.50 18.29
C LYS H 54 -16.00 18.84 16.96
N ALA H 55 -17.14 18.14 16.89
CA ALA H 55 -17.57 17.56 15.63
C ALA H 55 -17.95 18.63 14.62
N MET H 56 -18.61 19.70 15.08
CA MET H 56 -18.93 20.80 14.17
C MET H 56 -17.69 21.50 13.66
N SER H 57 -16.62 21.55 14.48
CA SER H 57 -15.36 22.08 13.99
C SER H 57 -14.80 21.20 12.87
N ILE H 58 -14.99 19.89 12.99
CA ILE H 58 -14.55 18.97 11.94
C ILE H 58 -15.43 19.10 10.71
N MET H 59 -16.74 19.26 10.91
CA MET H 59 -17.66 19.39 9.78
C MET H 59 -17.47 20.73 9.08
N ASN H 60 -17.08 21.76 9.83
CA ASN H 60 -16.76 23.04 9.22
C ASN H 60 -15.50 22.94 8.37
N SER H 61 -14.50 22.18 8.85
CA SER H 61 -13.29 21.99 8.07
C SER H 61 -13.56 21.18 6.81
N PHE H 62 -14.48 20.22 6.90
CA PHE H 62 -14.81 19.39 5.74
C PHE H 62 -15.43 20.24 4.63
N VAL H 63 -16.35 21.14 4.97
CA VAL H 63 -16.98 21.98 3.96
C VAL H 63 -15.97 22.95 3.38
N ASN H 64 -15.12 23.52 4.23
CA ASN H 64 -14.08 24.42 3.72
C ASN H 64 -13.10 23.68 2.82
N ASP H 65 -12.71 22.47 3.20
CA ASP H 65 -11.74 21.71 2.41
C ASP H 65 -12.30 21.34 1.05
N VAL H 66 -13.53 20.81 1.02
CA VAL H 66 -14.15 20.42 -0.24
C VAL H 66 -14.41 21.64 -1.12
N PHE H 67 -14.72 22.77 -0.50
CA PHE H 67 -14.91 24.00 -1.27
C PHE H 67 -13.66 24.37 -2.05
N GLU H 68 -12.48 24.34 -1.40
CA GLU H 68 -11.25 24.69 -2.10
C GLU H 68 -10.90 23.65 -3.17
N ARG H 69 -11.21 22.38 -2.92
CA ARG H 69 -10.91 21.35 -3.90
C ARG H 69 -11.72 21.56 -5.18
N ILE H 70 -13.01 21.81 -5.04
CA ILE H 70 -13.86 22.04 -6.21
C ILE H 70 -13.53 23.37 -6.87
N ALA H 71 -13.41 24.42 -6.07
CA ALA H 71 -13.11 25.73 -6.63
C ALA H 71 -11.71 25.77 -7.24
N GLY H 72 -10.76 25.06 -6.65
CA GLY H 72 -9.43 24.98 -7.23
C GLY H 72 -9.41 24.23 -8.55
N GLU H 73 -10.12 23.10 -8.62
CA GLU H 73 -10.21 22.36 -9.88
C GLU H 73 -10.99 23.14 -10.93
N ALA H 74 -12.06 23.81 -10.53
CA ALA H 74 -12.83 24.61 -11.47
C ALA H 74 -12.03 25.81 -11.96
N SER H 75 -11.17 26.36 -11.11
CA SER H 75 -10.35 27.50 -11.50
C SER H 75 -9.39 27.13 -12.60
N ARG H 76 -8.74 25.96 -12.50
CA ARG H 76 -7.77 25.57 -13.50
C ARG H 76 -8.43 25.03 -14.76
N LEU H 77 -9.67 24.54 -14.65
CA LEU H 77 -10.43 24.16 -15.83
C LEU H 77 -10.64 25.36 -16.74
N ALA H 78 -10.94 26.51 -16.16
CA ALA H 78 -11.06 27.74 -16.95
C ALA H 78 -9.73 28.15 -17.53
N HIS H 79 -8.64 27.97 -16.77
CA HIS H 79 -7.32 28.32 -17.27
C HIS H 79 -6.91 27.42 -18.43
N TYR H 80 -7.21 26.12 -18.33
CA TYR H 80 -6.91 25.21 -19.43
C TYR H 80 -7.66 25.61 -20.70
N ASN H 81 -8.93 25.97 -20.55
CA ASN H 81 -9.79 26.28 -21.68
C ASN H 81 -9.79 27.76 -22.03
N LYS H 82 -8.92 28.55 -21.39
CA LYS H 82 -8.78 29.98 -21.67
C LYS H 82 -10.09 30.72 -21.44
N ARG H 83 -10.79 30.36 -20.36
CA ARG H 83 -12.03 31.02 -19.96
C ARG H 83 -11.77 31.92 -18.77
N SER H 84 -12.42 33.08 -18.76
CA SER H 84 -12.31 34.00 -17.64
C SER H 84 -13.38 33.77 -16.58
N THR H 85 -14.43 33.03 -16.92
CA THR H 85 -15.58 32.85 -16.04
C THR H 85 -15.62 31.42 -15.51
N ILE H 86 -15.90 31.28 -14.22
CA ILE H 86 -16.23 29.98 -13.64
C ILE H 86 -17.76 29.87 -13.61
N THR H 87 -18.29 28.89 -14.31
CA THR H 87 -19.72 28.70 -14.45
C THR H 87 -20.12 27.39 -13.78
N SER H 88 -21.41 27.05 -13.90
CA SER H 88 -21.87 25.79 -13.35
C SER H 88 -21.33 24.59 -14.12
N ARG H 89 -20.82 24.81 -15.34
CA ARG H 89 -20.20 23.72 -16.08
C ARG H 89 -18.82 23.39 -15.52
N GLU H 90 -18.06 24.40 -15.13
CA GLU H 90 -16.78 24.16 -14.47
C GLU H 90 -16.98 23.47 -13.12
N ILE H 91 -18.01 23.89 -12.38
CA ILE H 91 -18.32 23.25 -11.10
C ILE H 91 -18.75 21.81 -11.32
N GLN H 92 -19.55 21.56 -12.37
CA GLN H 92 -19.99 20.21 -12.65
C GLN H 92 -18.82 19.31 -13.04
N THR H 93 -17.90 19.82 -13.85
CA THR H 93 -16.76 19.03 -14.26
C THR H 93 -15.82 18.78 -13.08
N ALA H 94 -15.64 19.77 -12.22
CA ALA H 94 -14.80 19.59 -11.04
C ALA H 94 -15.40 18.56 -10.10
N VAL H 95 -16.73 18.51 -10.00
CA VAL H 95 -17.37 17.50 -9.16
C VAL H 95 -17.17 16.11 -9.75
N ARG H 96 -17.23 16.00 -11.09
CA ARG H 96 -16.99 14.71 -11.74
C ARG H 96 -15.54 14.27 -11.58
N LEU H 97 -14.60 15.20 -11.62
CA LEU H 97 -13.19 14.85 -11.48
C LEU H 97 -12.85 14.45 -10.04
N LEU H 98 -13.46 15.10 -9.06
CA LEU H 98 -13.09 14.91 -7.66
C LEU H 98 -13.95 13.90 -6.93
N LEU H 99 -15.23 13.82 -7.21
CA LEU H 99 -15.94 12.93 -6.32
C LEU H 99 -15.92 11.50 -6.87
N PRO H 100 -15.87 10.51 -5.99
CA PRO H 100 -15.71 9.10 -6.41
C PRO H 100 -16.99 8.40 -6.86
N GLY H 101 -17.36 8.59 -8.12
CA GLY H 101 -18.37 7.72 -8.70
C GLY H 101 -19.79 8.00 -8.28
N GLU H 102 -20.31 7.18 -7.36
CA GLU H 102 -21.68 7.35 -6.90
C GLU H 102 -21.88 8.71 -6.23
N LEU H 103 -20.86 9.20 -5.52
CA LEU H 103 -20.94 10.56 -4.98
C LEU H 103 -20.99 11.58 -6.11
N ALA H 104 -20.22 11.36 -7.17
CA ALA H 104 -20.15 12.32 -8.26
C ALA H 104 -21.49 12.44 -8.98
N LYS H 105 -22.17 11.32 -9.23
CA LYS H 105 -23.40 11.38 -10.00
C LYS H 105 -24.57 11.84 -9.15
N HIS H 106 -24.51 11.62 -7.84
CA HIS H 106 -25.54 12.15 -6.96
C HIS H 106 -25.37 13.65 -6.74
N ALA H 107 -24.12 14.09 -6.61
CA ALA H 107 -23.86 15.52 -6.42
C ALA H 107 -24.15 16.31 -7.69
N VAL H 108 -23.87 15.71 -8.85
CA VAL H 108 -24.21 16.36 -10.12
C VAL H 108 -25.72 16.48 -10.25
N SER H 109 -26.45 15.44 -9.83
CA SER H 109 -27.91 15.51 -9.85
C SER H 109 -28.43 16.61 -8.93
N GLU H 110 -27.84 16.72 -7.73
CA GLU H 110 -28.26 17.77 -6.80
C GLU H 110 -27.90 19.15 -7.33
N GLY H 111 -26.71 19.29 -7.93
CA GLY H 111 -26.30 20.59 -8.41
C GLY H 111 -27.14 21.10 -9.57
N THR H 112 -27.46 20.23 -10.51
CA THR H 112 -28.29 20.65 -11.65
C THR H 112 -29.73 20.89 -11.21
N LYS H 113 -30.20 20.15 -10.20
CA LYS H 113 -31.55 20.36 -9.70
C LYS H 113 -31.69 21.73 -9.06
N ALA H 114 -30.65 22.19 -8.35
CA ALA H 114 -30.70 23.51 -7.73
C ALA H 114 -30.60 24.62 -8.75
N VAL H 115 -29.75 24.44 -9.77
CA VAL H 115 -29.63 25.45 -10.82
C VAL H 115 -30.91 25.52 -11.64
N THR H 116 -31.57 24.38 -11.85
CA THR H 116 -32.87 24.39 -12.51
C THR H 116 -33.91 25.13 -11.68
N LYS H 117 -33.94 24.88 -10.37
CA LYS H 117 -34.87 25.57 -9.50
C LYS H 117 -34.55 27.05 -9.39
N TYR H 118 -33.26 27.40 -9.34
CA TYR H 118 -32.87 28.79 -9.22
C TYR H 118 -33.24 29.58 -10.45
N THR H 119 -33.01 29.02 -11.64
CA THR H 119 -33.33 29.72 -12.88
C THR H 119 -34.83 29.86 -13.06
N SER H 120 -35.58 28.80 -12.76
CA SER H 120 -37.04 28.85 -12.92
C SER H 120 -37.66 29.88 -11.98
N ALA H 121 -37.16 29.97 -10.75
CA ALA H 121 -37.71 30.91 -9.77
C ALA H 121 -37.55 32.34 -10.26
N LYS H 122 -36.31 32.82 -10.37
CA LYS H 122 -36.02 34.13 -10.92
C LYS H 122 -34.57 34.22 -11.37
N LYS K 175 10.40 -83.59 34.36
CA LYS K 175 10.21 -83.31 35.79
C LYS K 175 10.36 -81.83 36.07
N ALA K 176 11.51 -81.45 36.61
CA ALA K 176 11.82 -80.05 36.88
C ALA K 176 12.03 -79.25 35.61
N LEU K 177 12.10 -79.92 34.46
CA LEU K 177 12.15 -79.21 33.20
C LEU K 177 10.96 -78.27 33.05
N GLN K 178 9.82 -78.63 33.64
CA GLN K 178 8.66 -77.73 33.61
C GLN K 178 8.97 -76.41 34.27
N LYS K 179 9.49 -76.43 35.50
CA LYS K 179 9.75 -75.18 36.21
C LYS K 179 10.92 -74.44 35.58
N GLU K 180 11.91 -75.16 35.04
CA GLU K 180 13.01 -74.47 34.38
C GLU K 180 12.54 -73.75 33.12
N LEU K 181 11.66 -74.40 32.34
CA LEU K 181 11.04 -73.72 31.20
C LEU K 181 10.25 -72.51 31.66
N GLU K 182 9.51 -72.65 32.77
CA GLU K 182 8.67 -71.54 33.23
C GLU K 182 9.53 -70.34 33.63
N GLN K 183 10.61 -70.59 34.36
CA GLN K 183 11.53 -69.52 34.73
C GLN K 183 12.16 -68.89 33.49
N PHE K 184 12.57 -69.70 32.52
CA PHE K 184 13.12 -69.16 31.28
C PHE K 184 12.09 -68.30 30.57
N ALA K 185 10.83 -68.72 30.55
CA ALA K 185 9.80 -67.98 29.85
C ALA K 185 9.51 -66.65 30.52
N LYS K 186 9.50 -66.63 31.85
CA LYS K 186 9.30 -65.37 32.56
C LYS K 186 10.44 -64.40 32.27
N LEU K 187 11.69 -64.89 32.34
CA LEU K 187 12.80 -64.02 31.99
C LEU K 187 12.75 -63.60 30.52
N LEU K 188 12.26 -64.48 29.64
CA LEU K 188 12.13 -64.14 28.23
C LEU K 188 11.12 -63.01 28.02
N LYS K 189 9.99 -63.07 28.73
CA LYS K 189 9.04 -61.97 28.69
C LYS K 189 9.68 -60.69 29.17
N GLN K 190 10.47 -60.76 30.25
CA GLN K 190 11.12 -59.55 30.75
C GLN K 190 12.10 -58.97 29.73
N LYS K 191 12.92 -59.81 29.09
CA LYS K 191 13.84 -59.28 28.09
C LYS K 191 13.10 -58.73 26.88
N ARG K 192 12.03 -59.40 26.44
CA ARG K 192 11.30 -58.88 25.29
C ARG K 192 10.69 -57.51 25.59
N ILE K 193 10.10 -57.36 26.79
CA ILE K 193 9.51 -56.08 27.15
C ILE K 193 10.60 -55.02 27.31
N THR K 194 11.77 -55.40 27.83
CA THR K 194 12.85 -54.44 28.01
C THR K 194 13.46 -54.00 26.69
N LEU K 195 13.50 -54.89 25.71
CA LEU K 195 14.14 -54.60 24.44
C LEU K 195 13.24 -53.86 23.46
N GLY K 196 11.98 -53.67 23.78
CA GLY K 196 11.07 -52.98 22.87
C GLY K 196 10.80 -53.71 21.58
N TYR K 197 10.53 -55.01 21.66
CA TYR K 197 10.20 -55.82 20.48
C TYR K 197 8.81 -56.43 20.65
N THR K 198 7.99 -56.29 19.63
CA THR K 198 6.70 -56.95 19.59
C THR K 198 6.89 -58.42 19.22
N GLN K 199 5.86 -59.23 19.50
CA GLN K 199 5.95 -60.65 19.21
C GLN K 199 6.06 -60.91 17.72
N ALA K 200 5.33 -60.15 16.91
CA ALA K 200 5.53 -60.25 15.46
C ALA K 200 6.95 -59.87 15.08
N ASP K 201 7.50 -58.85 15.72
CA ASP K 201 8.90 -58.51 15.51
C ASP K 201 9.83 -59.63 15.97
N VAL K 202 9.46 -60.33 17.06
CA VAL K 202 10.26 -61.47 17.50
C VAL K 202 10.26 -62.57 16.45
N GLY K 203 9.10 -62.85 15.86
CA GLY K 203 9.04 -63.82 14.79
C GLY K 203 9.85 -63.40 13.58
N LEU K 204 9.80 -62.12 13.24
CA LEU K 204 10.59 -61.62 12.12
C LEU K 204 12.08 -61.76 12.39
N THR K 205 12.52 -61.46 13.61
CA THR K 205 13.92 -61.62 13.96
C THR K 205 14.34 -63.09 13.91
N LEU K 206 13.50 -63.98 14.43
CA LEU K 206 13.79 -65.40 14.36
C LEU K 206 13.92 -65.85 12.92
N GLY K 207 13.04 -65.36 12.05
CA GLY K 207 13.14 -65.70 10.64
C GLY K 207 14.41 -65.19 9.98
N VAL K 208 14.78 -63.94 10.25
CA VAL K 208 15.95 -63.36 9.60
C VAL K 208 17.26 -63.81 10.23
N LEU K 209 17.22 -64.49 11.38
CA LEU K 209 18.43 -65.04 11.97
C LEU K 209 18.52 -66.56 11.90
N PHE K 210 17.43 -67.26 11.58
CA PHE K 210 17.50 -68.72 11.48
C PHE K 210 16.89 -69.22 10.19
N GLY K 211 15.89 -68.50 9.67
CA GLY K 211 15.16 -68.91 8.48
C GLY K 211 13.79 -69.51 8.75
N LYS K 212 13.54 -69.96 9.99
CA LYS K 212 12.25 -70.51 10.36
C LYS K 212 11.45 -69.42 11.07
N VAL K 213 10.83 -68.54 10.27
CA VAL K 213 10.02 -67.47 10.82
C VAL K 213 8.78 -68.06 11.48
N PHE K 214 8.48 -67.60 12.69
CA PHE K 214 7.33 -68.08 13.44
C PHE K 214 6.31 -66.97 13.58
N SER K 215 5.05 -67.35 13.70
CA SER K 215 3.97 -66.39 13.84
C SER K 215 3.81 -65.95 15.29
N GLN K 216 3.23 -64.77 15.46
CA GLN K 216 3.13 -64.19 16.80
C GLN K 216 2.22 -64.99 17.71
N THR K 217 1.33 -65.82 17.16
CA THR K 217 0.52 -66.68 18.01
C THR K 217 1.39 -67.68 18.76
N THR K 218 2.42 -68.22 18.10
CA THR K 218 3.31 -69.15 18.77
C THR K 218 4.05 -68.48 19.92
N ILE K 219 4.51 -67.24 19.71
CA ILE K 219 5.19 -66.53 20.78
C ILE K 219 4.24 -66.21 21.93
N CYS K 220 2.99 -65.85 21.62
CA CYS K 220 1.98 -65.66 22.66
C CYS K 220 1.81 -66.93 23.48
N ARG K 221 1.55 -68.05 22.81
CA ARG K 221 1.33 -69.31 23.51
C ARG K 221 2.57 -69.76 24.26
N PHE K 222 3.75 -69.32 23.82
CA PHE K 222 4.98 -69.59 24.56
C PHE K 222 5.02 -68.80 25.86
N GLU K 223 4.94 -67.47 25.76
CA GLU K 223 5.05 -66.62 26.94
C GLU K 223 3.95 -66.90 27.94
N ALA K 224 2.78 -67.34 27.47
CA ALA K 224 1.72 -67.78 28.36
C ALA K 224 1.81 -69.27 28.68
N LEU K 225 2.80 -69.97 28.13
CA LEU K 225 3.03 -71.39 28.40
C LEU K 225 1.80 -72.22 28.03
N GLN K 226 1.39 -72.09 26.76
CA GLN K 226 0.24 -72.81 26.24
C GLN K 226 0.63 -73.97 25.34
N LEU K 227 1.78 -73.90 24.69
CA LEU K 227 2.20 -74.93 23.76
C LEU K 227 2.48 -76.24 24.49
N SER K 228 2.54 -77.33 23.73
CA SER K 228 2.78 -78.63 24.31
C SER K 228 4.24 -78.77 24.74
N PHE K 229 4.50 -79.81 25.53
CA PHE K 229 5.83 -80.00 26.12
C PHE K 229 6.90 -80.22 25.05
N LYS K 230 6.62 -81.07 24.07
CA LYS K 230 7.59 -81.31 23.01
C LYS K 230 7.87 -80.02 22.25
N ASN K 231 6.81 -79.27 21.93
CA ASN K 231 6.99 -77.99 21.27
C ASN K 231 7.73 -77.01 22.19
N MET K 232 7.43 -77.07 23.49
CA MET K 232 8.13 -76.24 24.47
C MET K 232 9.64 -76.42 24.34
N CYS K 233 10.08 -77.68 24.39
CA CYS K 233 11.51 -77.97 24.28
C CYS K 233 12.04 -77.61 22.90
N LYS K 234 11.22 -77.80 21.86
CA LYS K 234 11.69 -77.53 20.51
C LYS K 234 11.99 -76.05 20.30
N LEU K 235 11.14 -75.16 20.81
CA LEU K 235 11.43 -73.73 20.67
C LEU K 235 12.28 -73.16 21.78
N ARG K 236 12.63 -73.92 22.82
CA ARG K 236 13.60 -73.38 23.78
C ARG K 236 14.90 -72.92 23.14
N PRO K 237 15.60 -73.72 22.31
CA PRO K 237 16.95 -73.32 21.89
C PRO K 237 16.97 -72.09 21.00
N LEU K 238 15.99 -71.95 20.10
CA LEU K 238 15.99 -70.80 19.20
C LEU K 238 15.88 -69.49 19.99
N LEU K 239 14.98 -69.46 20.97
CA LEU K 239 14.83 -68.26 21.79
C LEU K 239 16.04 -68.02 22.67
N GLN K 240 16.63 -69.10 23.19
CA GLN K 240 17.88 -68.95 23.93
C GLN K 240 18.94 -68.26 23.08
N LYS K 241 19.12 -68.74 21.85
CA LYS K 241 20.13 -68.15 20.97
C LYS K 241 19.79 -66.70 20.65
N TRP K 242 18.51 -66.40 20.39
CA TRP K 242 18.16 -65.03 20.04
C TRP K 242 18.44 -64.08 21.20
N VAL K 243 18.06 -64.46 22.42
CA VAL K 243 18.30 -63.57 23.55
C VAL K 243 19.79 -63.47 23.85
N GLU K 244 20.56 -64.52 23.58
CA GLU K 244 22.00 -64.44 23.83
C GLU K 244 22.76 -63.71 22.74
N GLU K 245 22.15 -63.51 21.57
CA GLU K 245 22.84 -62.87 20.45
C GLU K 245 22.41 -61.43 20.21
N ALA K 246 21.11 -61.11 20.32
CA ALA K 246 20.59 -59.81 19.90
C ALA K 246 21.06 -58.66 20.78
N ASP K 247 21.66 -58.94 21.93
CA ASP K 247 22.03 -57.88 22.86
C ASP K 247 23.15 -56.99 22.35
N ASN K 248 23.87 -57.39 21.31
CA ASN K 248 25.06 -56.64 20.90
C ASN K 248 24.69 -55.40 20.10
N ASN K 249 24.02 -55.59 18.96
CA ASN K 249 23.63 -54.48 18.11
C ASN K 249 22.27 -54.77 17.51
N GLU K 250 21.41 -53.75 17.45
CA GLU K 250 20.05 -53.90 16.95
C GLU K 250 19.82 -53.23 15.61
N ASN K 251 20.60 -52.19 15.28
CA ASN K 251 20.33 -51.42 14.06
C ASN K 251 20.52 -52.26 12.81
N LEU K 252 21.63 -52.98 12.71
CA LEU K 252 21.89 -53.78 11.51
C LEU K 252 20.86 -54.90 11.37
N GLN K 253 20.49 -55.53 12.49
CA GLN K 253 19.46 -56.57 12.44
C GLN K 253 18.13 -55.99 11.97
N GLU K 254 17.78 -54.80 12.46
CA GLU K 254 16.54 -54.16 12.03
C GLU K 254 16.57 -53.85 10.54
N ILE K 255 17.70 -53.37 10.04
CA ILE K 255 17.81 -53.01 8.63
C ILE K 255 17.98 -54.26 7.78
N ARG K 265 9.64 -67.74 5.29
CA ARG K 265 9.39 -69.18 5.24
C ARG K 265 8.30 -69.57 6.22
N LYS K 266 7.10 -69.04 6.01
CA LYS K 266 5.96 -69.36 6.85
C LYS K 266 5.32 -70.64 6.36
N ARG K 267 4.69 -71.37 7.27
CA ARG K 267 3.85 -72.48 6.86
C ARG K 267 2.54 -71.93 6.29
N LYS K 268 2.60 -71.45 5.05
CA LYS K 268 1.46 -70.86 4.35
C LYS K 268 0.20 -71.69 4.60
N ARG K 269 -0.82 -71.06 5.15
CA ARG K 269 -2.03 -71.75 5.58
C ARG K 269 -3.22 -71.02 4.97
N THR K 270 -3.60 -71.42 3.77
CA THR K 270 -4.68 -70.76 3.06
C THR K 270 -6.01 -71.02 3.77
N SER K 271 -6.82 -69.98 3.89
CA SER K 271 -8.11 -70.10 4.54
C SER K 271 -9.16 -70.56 3.54
N ILE K 272 -10.26 -71.08 4.07
CA ILE K 272 -11.39 -71.51 3.26
C ILE K 272 -12.57 -70.61 3.57
N GLU K 273 -13.15 -70.00 2.53
CA GLU K 273 -14.29 -69.14 2.73
C GLU K 273 -15.56 -69.97 2.85
N ASN K 274 -16.60 -69.36 3.42
CA ASN K 274 -17.76 -70.11 3.90
C ASN K 274 -18.51 -70.82 2.78
N ARG K 275 -18.61 -70.20 1.60
CA ARG K 275 -19.32 -70.86 0.51
C ARG K 275 -18.55 -72.07 -0.01
N VAL K 276 -17.22 -71.97 -0.07
CA VAL K 276 -16.40 -73.14 -0.41
C VAL K 276 -16.58 -74.22 0.64
N ARG K 277 -16.63 -73.83 1.92
CA ARG K 277 -16.86 -74.81 2.98
C ARG K 277 -18.20 -75.51 2.80
N GLY K 278 -19.25 -74.75 2.51
CA GLY K 278 -20.56 -75.35 2.30
C GLY K 278 -20.60 -76.25 1.08
N ASN K 279 -19.95 -75.84 0.00
CA ASN K 279 -19.90 -76.68 -1.20
C ASN K 279 -19.17 -77.99 -0.92
N LEU K 280 -18.05 -77.92 -0.19
CA LEU K 280 -17.32 -79.15 0.13
C LEU K 280 -18.13 -80.05 1.07
N GLU K 281 -18.84 -79.46 2.03
CA GLU K 281 -19.71 -80.26 2.88
C GLU K 281 -20.81 -80.93 2.05
N ASN K 282 -21.33 -80.22 1.06
CA ASN K 282 -22.28 -80.83 0.13
C ASN K 282 -21.63 -81.97 -0.65
N LEU K 283 -20.36 -81.81 -1.02
CA LEU K 283 -19.64 -82.89 -1.69
C LEU K 283 -19.46 -84.09 -0.78
N PHE K 284 -19.40 -83.87 0.52
CA PHE K 284 -19.54 -84.99 1.45
C PHE K 284 -21.00 -85.37 1.63
N LEU K 285 -21.22 -86.37 2.49
CA LEU K 285 -22.47 -87.07 2.74
C LEU K 285 -22.85 -87.98 1.57
N GLN K 286 -22.09 -87.97 0.48
CA GLN K 286 -22.33 -88.88 -0.64
C GLN K 286 -21.12 -89.75 -0.97
N CYS K 287 -19.91 -89.19 -0.98
CA CYS K 287 -18.69 -89.95 -1.26
C CYS K 287 -17.62 -89.54 -0.24
N PRO K 288 -17.51 -90.30 0.85
CA PRO K 288 -16.58 -89.88 1.92
C PRO K 288 -15.13 -89.78 1.49
N LYS K 289 -14.65 -90.72 0.68
CA LYS K 289 -13.24 -90.75 0.27
C LYS K 289 -13.22 -90.74 -1.26
N PRO K 290 -13.18 -89.57 -1.86
CA PRO K 290 -13.10 -89.49 -3.33
C PRO K 290 -11.71 -89.85 -3.83
N THR K 291 -11.66 -90.21 -5.11
CA THR K 291 -10.42 -90.53 -5.78
C THR K 291 -9.71 -89.26 -6.21
N LEU K 292 -8.42 -89.39 -6.55
CA LEU K 292 -7.68 -88.25 -7.06
C LEU K 292 -8.28 -87.70 -8.35
N GLN K 293 -8.89 -88.58 -9.15
CA GLN K 293 -9.55 -88.14 -10.38
C GLN K 293 -10.67 -87.16 -10.07
N GLN K 294 -11.46 -87.43 -9.03
CA GLN K 294 -12.48 -86.49 -8.61
C GLN K 294 -11.89 -85.29 -7.86
N ILE K 295 -10.77 -85.50 -7.16
CA ILE K 295 -10.15 -84.43 -6.39
C ILE K 295 -9.68 -83.33 -7.33
N SER K 296 -9.11 -83.70 -8.48
CA SER K 296 -8.67 -82.69 -9.43
C SER K 296 -9.84 -81.85 -9.93
N HIS K 297 -10.97 -82.52 -10.23
CA HIS K 297 -12.17 -81.79 -10.65
C HIS K 297 -12.66 -80.86 -9.55
N ILE K 298 -12.68 -81.33 -8.31
CA ILE K 298 -13.11 -80.49 -7.19
C ILE K 298 -12.22 -79.26 -7.07
N ALA K 299 -10.90 -79.48 -7.17
CA ALA K 299 -9.95 -78.38 -7.05
C ALA K 299 -10.16 -77.36 -8.15
N GLN K 300 -10.33 -77.82 -9.40
CA GLN K 300 -10.56 -76.87 -10.50
C GLN K 300 -11.90 -76.16 -10.35
N GLN K 301 -12.90 -76.86 -9.80
CA GLN K 301 -14.22 -76.26 -9.65
C GLN K 301 -14.20 -75.10 -8.65
N LEU K 302 -13.59 -75.33 -7.49
CA LEU K 302 -13.57 -74.27 -6.47
C LEU K 302 -12.29 -73.45 -6.44
N GLY K 303 -11.40 -73.61 -7.42
CA GLY K 303 -10.27 -72.70 -7.51
C GLY K 303 -9.24 -72.88 -6.41
N LEU K 304 -9.24 -74.02 -5.74
CA LEU K 304 -8.28 -74.28 -4.68
C LEU K 304 -7.12 -75.14 -5.19
N GLU K 305 -5.98 -74.99 -4.54
CA GLU K 305 -4.81 -75.79 -4.90
C GLU K 305 -5.07 -77.27 -4.61
N LYS K 306 -4.43 -78.12 -5.41
CA LYS K 306 -4.62 -79.56 -5.24
C LYS K 306 -4.16 -80.04 -3.87
N ASP K 307 -2.98 -79.58 -3.43
CA ASP K 307 -2.48 -79.97 -2.12
C ASP K 307 -3.35 -79.43 -1.01
N VAL K 308 -3.84 -78.20 -1.16
CA VAL K 308 -4.74 -77.63 -0.15
C VAL K 308 -6.00 -78.47 -0.04
N VAL K 309 -6.60 -78.84 -1.17
CA VAL K 309 -7.84 -79.62 -1.13
C VAL K 309 -7.56 -81.01 -0.57
N ARG K 310 -6.41 -81.60 -0.89
CA ARG K 310 -6.09 -82.93 -0.39
C ARG K 310 -5.94 -82.91 1.12
N VAL K 311 -5.19 -81.95 1.66
CA VAL K 311 -5.01 -81.89 3.11
C VAL K 311 -6.32 -81.54 3.80
N TRP K 312 -7.14 -80.69 3.19
CA TRP K 312 -8.41 -80.35 3.83
C TRP K 312 -9.32 -81.57 3.84
N PHE K 313 -9.28 -82.38 2.78
CA PHE K 313 -10.04 -83.61 2.73
C PHE K 313 -9.59 -84.58 3.82
N CYS K 314 -8.27 -84.69 3.99
CA CYS K 314 -7.74 -85.57 5.03
C CYS K 314 -8.19 -85.10 6.41
N ASN K 315 -8.14 -83.80 6.67
CA ASN K 315 -8.54 -83.32 7.99
C ASN K 315 -10.05 -83.40 8.19
N ARG K 316 -10.84 -83.27 7.12
CA ARG K 316 -12.26 -83.52 7.21
C ARG K 316 -12.52 -84.95 7.67
N ARG K 317 -11.86 -85.92 7.01
CA ARG K 317 -11.98 -87.30 7.43
C ARG K 317 -11.53 -87.46 8.87
N GLN K 318 -10.48 -86.76 9.25
CA GLN K 318 -9.91 -86.90 10.59
C GLN K 318 -10.90 -86.45 11.66
N LYS K 319 -11.50 -85.27 11.45
CA LYS K 319 -12.40 -84.77 12.48
C LYS K 319 -13.73 -85.52 12.46
N GLY K 320 -14.14 -86.04 11.31
CA GLY K 320 -15.31 -86.89 11.28
C GLY K 320 -15.10 -88.25 11.90
N LYS K 321 -13.85 -88.73 11.91
CA LYS K 321 -13.53 -89.99 12.58
C LYS K 321 -13.20 -89.80 14.06
N ARG K 322 -12.95 -88.57 14.50
CA ARG K 322 -12.87 -88.31 15.94
C ARG K 322 -14.08 -88.87 16.68
N SER K 323 -15.28 -88.53 16.21
CA SER K 323 -16.50 -88.97 16.89
C SER K 323 -16.95 -90.33 16.38
#